data_1TP9
#
_entry.id   1TP9
#
_cell.length_a   59.513
_cell.length_b   69.112
_cell.length_c   76.429
_cell.angle_alpha   90.00
_cell.angle_beta   93.30
_cell.angle_gamma   90.00
#
_symmetry.space_group_name_H-M   'P 1 21 1'
#
loop_
_entity.id
_entity.type
_entity.pdbx_description
1 polymer peroxiredoxin
2 non-polymer 'SULFATE ION'
3 water water
#
_entity_poly.entity_id   1
_entity_poly.type   'polypeptide(L)'
_entity_poly.pdbx_seq_one_letter_code
;MAPIAVGDVLPDGKLAYFDEQDQLQEVSVHSLVAGKKVILFGVPGAFTPTCSLKHVPGFIEKAGELKSKGVTEILCISVN
DPFVMKAWAKSYPENKHVKFLADGSATYTHALGLELDLQEKGLGTRSRRFALLVDDLKVKAANIEGGGEFTVSSAEDILK
DL
;
_entity_poly.pdbx_strand_id   A,B,C,D
#
loop_
_chem_comp.id
_chem_comp.type
_chem_comp.name
_chem_comp.formula
SO4 non-polymer 'SULFATE ION' 'O4 S -2'
#
# COMPACT_ATOMS: atom_id res chain seq x y z
N MET A 1 25.57 3.19 -5.97
CA MET A 1 25.45 1.71 -5.93
C MET A 1 24.08 1.33 -6.52
N ALA A 2 24.00 0.15 -7.16
CA ALA A 2 22.73 -0.47 -7.50
C ALA A 2 22.15 -1.03 -6.22
N PRO A 3 20.84 -1.23 -6.19
CA PRO A 3 20.19 -1.76 -5.00
C PRO A 3 20.77 -3.14 -4.72
N ILE A 4 21.04 -3.40 -3.44
CA ILE A 4 21.45 -4.74 -3.03
C ILE A 4 20.43 -5.75 -3.54
N ALA A 5 20.90 -6.94 -3.87
CA ALA A 5 20.07 -7.96 -4.51
C ALA A 5 20.35 -9.34 -3.88
N VAL A 6 19.41 -10.26 -4.10
CA VAL A 6 19.57 -11.65 -3.67
C VAL A 6 20.90 -12.26 -4.22
N GLY A 7 21.66 -12.89 -3.36
CA GLY A 7 22.93 -13.53 -3.72
C GLY A 7 24.15 -12.68 -3.40
N ASP A 8 23.96 -11.36 -3.22
CA ASP A 8 25.01 -10.47 -2.78
C ASP A 8 25.49 -10.66 -1.32
N VAL A 9 26.72 -10.27 -1.03
CA VAL A 9 27.27 -10.19 0.29
C VAL A 9 26.84 -8.85 0.91
N LEU A 10 26.35 -8.89 2.14
CA LEU A 10 25.94 -7.67 2.82
C LEU A 10 27.16 -6.84 3.21
N PRO A 11 27.22 -5.56 2.84
CA PRO A 11 28.37 -4.73 3.23
C PRO A 11 28.45 -4.47 4.72
N ASP A 12 29.61 -4.17 5.25
CA ASP A 12 29.78 -3.72 6.61
C ASP A 12 29.49 -2.23 6.69
N GLY A 13 29.43 -1.71 7.90
CA GLY A 13 29.16 -0.30 8.16
C GLY A 13 28.97 -0.10 9.65
N LYS A 14 28.68 1.12 10.09
CA LYS A 14 28.54 1.41 11.52
C LYS A 14 27.14 1.95 11.80
N LEU A 15 26.46 1.44 12.82
CA LEU A 15 25.10 1.89 13.21
C LEU A 15 25.06 2.22 14.71
N ALA A 16 24.13 3.03 15.15
CA ALA A 16 24.16 3.55 16.57
C ALA A 16 22.84 3.22 17.27
N TYR A 17 22.93 3.03 18.61
CA TYR A 17 21.76 2.73 19.46
C TYR A 17 22.09 3.01 20.93
N PHE A 18 21.07 3.07 21.79
CA PHE A 18 21.25 3.16 23.25
C PHE A 18 21.22 1.78 23.99
N ASP A 19 22.18 1.52 24.86
CA ASP A 19 22.20 0.25 25.61
C ASP A 19 21.27 0.32 26.82
N GLU A 20 21.28 -0.74 27.63
CA GLU A 20 20.30 -0.88 28.73
C GLU A 20 20.52 0.10 29.88
N GLN A 21 21.73 0.62 30.03
CA GLN A 21 22.05 1.66 31.02
C GLN A 21 21.98 3.06 30.41
N ASP A 22 21.32 3.15 29.24
CA ASP A 22 21.04 4.40 28.52
C ASP A 22 22.29 5.12 28.06
N GLN A 23 23.30 4.37 27.60
CA GLN A 23 24.50 4.96 27.04
C GLN A 23 24.56 4.74 25.52
N LEU A 24 24.99 5.76 24.81
CA LEU A 24 25.16 5.72 23.38
C LEU A 24 26.27 4.74 22.96
N GLN A 25 25.92 3.78 22.11
CA GLN A 25 26.87 2.82 21.52
C GLN A 25 26.88 2.89 20.02
N GLU A 26 28.01 2.55 19.42
CA GLU A 26 28.12 2.50 17.97
C GLU A 26 28.87 1.26 17.65
N VAL A 27 28.23 0.38 16.88
CA VAL A 27 28.82 -0.92 16.49
C VAL A 27 28.75 -1.20 14.99
N SER A 28 29.52 -2.19 14.54
CA SER A 28 29.51 -2.49 13.12
C SER A 28 28.33 -3.36 12.75
N VAL A 29 27.90 -3.31 11.50
CA VAL A 29 26.85 -4.15 11.06
C VAL A 29 27.24 -5.63 11.14
N HIS A 30 28.45 -5.96 10.70
CA HIS A 30 28.88 -7.35 10.78
C HIS A 30 28.93 -7.85 12.27
N SER A 31 29.18 -6.97 13.25
CA SER A 31 29.18 -7.31 14.70
C SER A 31 27.78 -7.70 15.19
N LEU A 32 26.73 -7.39 14.45
CA LEU A 32 25.38 -7.74 14.84
C LEU A 32 24.84 -8.87 13.98
N VAL A 33 25.41 -9.12 12.79
CA VAL A 33 24.85 -10.07 11.81
C VAL A 33 25.67 -11.27 11.30
N ALA A 34 26.99 -11.22 11.44
CA ALA A 34 27.79 -12.34 10.94
C ALA A 34 27.49 -13.63 11.67
N GLY A 35 27.56 -14.73 10.95
CA GLY A 35 27.48 -16.07 11.52
C GLY A 35 26.11 -16.50 11.89
N LYS A 36 25.09 -15.76 11.45
CA LYS A 36 23.72 -16.09 11.86
C LYS A 36 22.70 -15.61 10.86
N LYS A 37 21.47 -16.14 10.95
CA LYS A 37 20.33 -15.80 10.09
C LYS A 37 19.55 -14.65 10.71
N VAL A 38 19.37 -13.54 9.97
CA VAL A 38 18.77 -12.32 10.51
C VAL A 38 17.84 -11.71 9.49
N ILE A 39 16.97 -10.82 9.99
CA ILE A 39 16.22 -9.91 9.12
C ILE A 39 16.74 -8.49 9.39
N LEU A 40 16.98 -7.74 8.30
CA LEU A 40 17.26 -6.28 8.39
C LEU A 40 16.11 -5.67 7.59
N PHE A 41 15.24 -4.86 8.22
CA PHE A 41 14.20 -4.12 7.49
C PHE A 41 14.40 -2.61 7.63
N GLY A 42 14.19 -1.87 6.53
CA GLY A 42 14.44 -0.44 6.44
C GLY A 42 13.12 0.31 6.32
N VAL A 43 13.07 1.48 6.98
CA VAL A 43 11.90 2.30 6.95
C VAL A 43 12.33 3.72 6.53
N PRO A 44 11.46 4.46 5.81
CA PRO A 44 11.78 5.87 5.51
C PRO A 44 11.86 6.82 6.73
N GLY A 45 11.12 6.61 7.80
CA GLY A 45 11.16 7.53 8.91
C GLY A 45 10.47 7.15 10.17
N ALA A 46 11.21 7.21 11.29
CA ALA A 46 10.66 7.11 12.61
C ALA A 46 9.50 8.09 12.75
N PHE A 47 8.43 7.66 13.41
CA PHE A 47 7.19 8.38 13.66
C PHE A 47 6.28 8.68 12.47
N THR A 48 6.65 8.24 11.28
CA THR A 48 5.79 8.45 10.11
C THR A 48 4.77 7.35 10.04
N PRO A 49 3.61 7.64 9.43
CA PRO A 49 2.46 6.73 9.58
C PRO A 49 2.64 5.28 9.12
N THR A 50 3.14 5.03 7.92
CA THR A 50 3.15 3.65 7.42
C THR A 50 4.20 2.91 8.24
N CYS A 51 5.32 3.58 8.45
CA CYS A 51 6.41 2.92 9.24
C CYS A 51 5.95 2.58 10.64
N SER A 52 5.21 3.48 11.28
CA SER A 52 4.89 3.39 12.69
C SER A 52 3.68 2.52 13.03
N LEU A 53 2.68 2.50 12.13
CA LEU A 53 1.41 1.81 12.40
C LEU A 53 1.31 0.49 11.67
N LYS A 54 2.06 0.31 10.57
CA LYS A 54 1.94 -0.88 9.71
C LYS A 54 3.25 -1.70 9.71
N HIS A 55 4.36 -1.08 9.32
CA HIS A 55 5.57 -1.84 9.05
C HIS A 55 6.24 -2.41 10.30
N VAL A 56 6.53 -1.56 11.28
CA VAL A 56 7.11 -2.00 12.55
C VAL A 56 6.18 -2.92 13.34
N PRO A 57 4.91 -2.57 13.52
CA PRO A 57 4.01 -3.47 14.26
C PRO A 57 3.93 -4.87 13.66
N GLY A 58 3.97 -5.02 12.34
CA GLY A 58 4.00 -6.33 11.68
C GLY A 58 5.18 -7.17 12.20
N PHE A 59 6.35 -6.54 12.36
CA PHE A 59 7.50 -7.31 12.83
C PHE A 59 7.38 -7.71 14.29
N ILE A 60 6.83 -6.82 15.10
CA ILE A 60 6.64 -7.14 16.53
C ILE A 60 5.59 -8.28 16.64
N GLU A 61 4.50 -8.15 15.92
CA GLU A 61 3.44 -9.17 15.94
C GLU A 61 3.87 -10.54 15.38
N LYS A 62 4.81 -10.57 14.45
CA LYS A 62 5.24 -11.86 13.82
C LYS A 62 6.61 -12.33 14.38
N ALA A 63 7.19 -11.59 15.31
CA ALA A 63 8.53 -11.94 15.82
C ALA A 63 8.63 -13.39 16.28
N GLY A 64 7.62 -13.82 17.03
CA GLY A 64 7.57 -15.20 17.53
C GLY A 64 7.59 -16.22 16.44
N GLU A 65 6.73 -16.07 15.46
CA GLU A 65 6.72 -16.93 14.30
C GLU A 65 8.04 -16.93 13.55
N LEU A 66 8.64 -15.75 13.38
CA LEU A 66 9.88 -15.64 12.61
C LEU A 66 11.05 -16.35 13.35
N LYS A 67 11.12 -16.16 14.65
CA LYS A 67 12.20 -16.73 15.51
C LYS A 67 12.05 -18.26 15.57
N SER A 68 10.81 -18.76 15.47
CA SER A 68 10.59 -20.21 15.48
C SER A 68 11.01 -20.86 14.13
N LYS A 69 11.07 -20.02 13.09
CA LYS A 69 11.56 -20.41 11.78
C LYS A 69 13.02 -20.03 11.46
N GLY A 70 13.82 -19.87 12.49
CA GLY A 70 15.26 -19.70 12.36
C GLY A 70 15.83 -18.30 12.42
N VAL A 71 14.98 -17.28 12.44
CA VAL A 71 15.51 -15.90 12.51
C VAL A 71 16.07 -15.61 13.94
N THR A 72 17.31 -15.13 14.04
CA THR A 72 17.96 -14.92 15.33
C THR A 72 18.01 -13.48 15.81
N GLU A 73 17.78 -12.53 14.89
CA GLU A 73 17.82 -11.09 15.15
C GLU A 73 16.92 -10.45 14.13
N ILE A 74 16.15 -9.44 14.61
CA ILE A 74 15.30 -8.63 13.74
C ILE A 74 15.72 -7.18 13.97
N LEU A 75 16.30 -6.54 12.95
CA LEU A 75 16.92 -5.22 13.00
C LEU A 75 16.11 -4.27 12.10
N CYS A 76 15.67 -3.14 12.67
CA CYS A 76 15.01 -2.05 11.94
C CYS A 76 16.04 -0.89 11.78
N ILE A 77 16.33 -0.51 10.54
CA ILE A 77 17.28 0.59 10.25
C ILE A 77 16.47 1.75 9.67
N SER A 78 16.83 2.95 10.08
CA SER A 78 16.28 4.19 9.47
C SER A 78 17.34 5.25 9.35
N VAL A 79 17.12 6.16 8.41
CA VAL A 79 17.92 7.36 8.34
C VAL A 79 17.30 8.36 9.34
N ASN A 80 17.62 8.12 10.61
CA ASN A 80 17.32 8.96 11.77
C ASN A 80 18.47 8.77 12.77
N ASP A 81 18.74 9.79 13.58
CA ASP A 81 19.74 9.77 14.60
C ASP A 81 19.32 8.90 15.79
N PRO A 82 20.25 8.48 16.62
CA PRO A 82 19.88 7.53 17.70
C PRO A 82 19.03 8.13 18.86
N PHE A 83 19.02 9.45 19.00
CA PHE A 83 18.14 10.13 19.95
C PHE A 83 16.67 10.01 19.54
N VAL A 84 16.42 10.25 18.25
CA VAL A 84 15.08 10.04 17.73
C VAL A 84 14.71 8.57 17.77
N MET A 85 15.64 7.71 17.42
CA MET A 85 15.33 6.25 17.38
C MET A 85 15.05 5.74 18.80
N LYS A 86 15.73 6.29 19.80
CA LYS A 86 15.45 5.91 21.24
C LYS A 86 14.03 6.32 21.59
N ALA A 87 13.61 7.51 21.21
CA ALA A 87 12.23 7.99 21.53
C ALA A 87 11.22 7.13 20.82
N TRP A 88 11.52 6.76 19.58
CA TRP A 88 10.64 5.91 18.77
C TRP A 88 10.49 4.52 19.36
N ALA A 89 11.58 3.94 19.80
CA ALA A 89 11.58 2.60 20.41
C ALA A 89 10.72 2.64 21.66
N LYS A 90 10.80 3.68 22.44
CA LYS A 90 9.97 3.83 23.66
C LYS A 90 8.49 3.86 23.42
N SER A 91 8.04 4.21 22.20
CA SER A 91 6.63 4.19 21.80
C SER A 91 6.07 2.76 21.59
N TYR A 92 6.94 1.77 21.68
CA TYR A 92 6.58 0.34 21.56
C TYR A 92 7.02 -0.38 22.85
N PRO A 93 6.38 -0.09 23.99
CA PRO A 93 6.75 -0.82 25.22
C PRO A 93 6.56 -2.32 25.16
N GLU A 94 5.67 -2.77 24.26
CA GLU A 94 5.41 -4.17 23.99
C GLU A 94 6.52 -4.98 23.29
N ASN A 95 7.59 -4.34 22.85
CA ASN A 95 8.52 -4.92 21.91
C ASN A 95 9.72 -5.47 22.64
N LYS A 96 9.93 -6.78 22.56
CA LYS A 96 11.11 -7.42 23.18
C LYS A 96 12.19 -7.88 22.14
N HIS A 97 11.86 -7.93 20.85
CA HIS A 97 12.75 -8.60 19.85
C HIS A 97 13.25 -7.71 18.68
N VAL A 98 12.61 -6.58 18.42
CA VAL A 98 13.05 -5.69 17.34
C VAL A 98 14.06 -4.70 17.90
N LYS A 99 15.27 -4.63 17.28
CA LYS A 99 16.30 -3.65 17.65
C LYS A 99 16.23 -2.46 16.67
N PHE A 100 16.13 -1.24 17.18
CA PHE A 100 16.07 -0.02 16.37
C PHE A 100 17.47 0.53 16.20
N LEU A 101 17.95 0.61 14.96
CA LEU A 101 19.29 1.06 14.63
C LEU A 101 19.34 2.32 13.77
N ALA A 102 20.22 3.25 14.11
CA ALA A 102 20.29 4.57 13.54
C ALA A 102 21.39 4.70 12.46
N ASP A 103 20.97 5.13 11.29
CA ASP A 103 21.86 5.47 10.14
C ASP A 103 21.58 6.96 9.73
N GLY A 104 21.65 7.86 10.67
CA GLY A 104 21.17 9.22 10.49
C GLY A 104 21.91 10.12 9.51
N SER A 105 23.07 9.68 9.00
CA SER A 105 23.76 10.39 7.94
C SER A 105 23.56 9.72 6.56
N ALA A 106 22.74 8.66 6.53
CA ALA A 106 22.41 7.86 5.34
C ALA A 106 23.61 7.07 4.74
N THR A 107 24.68 6.93 5.52
CA THR A 107 25.90 6.28 4.99
C THR A 107 25.68 4.84 4.61
N TYR A 108 25.08 4.04 5.52
CA TYR A 108 24.87 2.63 5.29
C TYR A 108 23.82 2.43 4.20
N THR A 109 22.80 3.30 4.19
CA THR A 109 21.72 3.27 3.20
C THR A 109 22.31 3.46 1.80
N HIS A 110 23.24 4.38 1.61
CA HIS A 110 23.90 4.49 0.27
C HIS A 110 24.77 3.28 -0.04
N ALA A 111 25.38 2.64 0.95
CA ALA A 111 26.17 1.43 0.69
C ALA A 111 25.31 0.25 0.23
N LEU A 112 24.03 0.26 0.58
CA LEU A 112 23.06 -0.72 0.15
C LEU A 112 22.43 -0.34 -1.23
N GLY A 113 22.74 0.83 -1.76
CA GLY A 113 22.06 1.39 -2.91
C GLY A 113 20.61 1.73 -2.76
N LEU A 114 20.18 1.98 -1.51
CA LEU A 114 18.76 2.13 -1.21
C LEU A 114 18.32 3.53 -0.83
N GLU A 115 19.12 4.52 -1.19
CA GLU A 115 18.76 5.90 -0.92
C GLU A 115 17.46 6.29 -1.66
N LEU A 116 16.70 7.20 -1.07
CA LEU A 116 15.43 7.67 -1.60
C LEU A 116 15.37 9.21 -1.40
N ASP A 117 15.08 9.93 -2.48
CA ASP A 117 15.00 11.39 -2.40
C ASP A 117 13.62 11.84 -1.98
N LEU A 118 13.50 12.28 -0.71
CA LEU A 118 12.28 12.82 -0.15
C LEU A 118 12.36 14.32 0.12
N GLN A 119 13.18 15.00 -0.66
CA GLN A 119 13.40 16.48 -0.56
C GLN A 119 12.08 17.22 -0.63
N GLU A 120 11.34 17.01 -1.71
CA GLU A 120 10.02 17.69 -1.87
C GLU A 120 9.02 17.44 -0.73
N LYS A 121 9.01 16.23 -0.15
CA LYS A 121 8.11 15.84 0.91
C LYS A 121 8.54 16.35 2.32
N GLY A 122 9.73 16.90 2.41
CA GLY A 122 10.21 17.50 3.64
C GLY A 122 11.00 16.60 4.59
N LEU A 123 11.48 15.47 4.09
CA LEU A 123 12.34 14.53 4.88
C LEU A 123 13.79 14.43 4.43
N GLY A 124 14.19 15.21 3.43
CA GLY A 124 15.52 15.07 2.89
C GLY A 124 15.78 13.71 2.24
N THR A 125 17.00 13.21 2.35
CA THR A 125 17.34 11.90 1.81
C THR A 125 17.14 10.84 2.88
N ARG A 126 16.43 9.79 2.54
CA ARG A 126 16.06 8.71 3.50
C ARG A 126 16.37 7.35 2.85
N SER A 127 15.99 6.28 3.52
CA SER A 127 15.99 4.97 2.89
C SER A 127 14.65 4.63 2.26
N ARG A 128 14.71 3.89 1.17
CA ARG A 128 13.57 3.11 0.64
C ARG A 128 13.13 2.10 1.73
N ARG A 129 11.84 1.77 1.74
CA ARG A 129 11.31 0.72 2.60
C ARG A 129 11.77 -0.61 2.05
N PHE A 130 12.14 -1.54 2.91
CA PHE A 130 12.61 -2.88 2.38
C PHE A 130 12.63 -3.86 3.51
N ALA A 131 12.71 -5.14 3.15
CA ALA A 131 13.06 -6.20 4.12
C ALA A 131 14.04 -7.15 3.47
N LEU A 132 15.13 -7.48 4.17
CA LEU A 132 16.09 -8.52 3.71
C LEU A 132 16.11 -9.68 4.68
N LEU A 133 16.30 -10.87 4.14
CA LEU A 133 16.68 -12.05 4.93
C LEU A 133 18.14 -12.32 4.61
N VAL A 134 18.98 -12.35 5.62
CA VAL A 134 20.47 -12.43 5.42
C VAL A 134 21.04 -13.59 6.29
N ASP A 135 21.73 -14.58 5.68
CA ASP A 135 22.22 -15.74 6.40
C ASP A 135 23.75 -15.75 6.26
N ASP A 136 24.42 -15.51 7.41
CA ASP A 136 25.88 -15.31 7.49
C ASP A 136 26.38 -14.48 6.30
N LEU A 137 25.83 -13.26 6.25
CA LEU A 137 26.21 -12.22 5.29
C LEU A 137 25.70 -12.43 3.88
N LYS A 138 25.07 -13.54 3.57
CA LYS A 138 24.56 -13.78 2.21
C LYS A 138 23.09 -13.40 2.15
N VAL A 139 22.72 -12.50 1.25
CA VAL A 139 21.31 -12.11 1.07
C VAL A 139 20.48 -13.24 0.41
N LYS A 140 19.53 -13.77 1.16
CA LYS A 140 18.64 -14.88 0.74
C LYS A 140 17.29 -14.41 0.21
N ALA A 141 16.86 -13.23 0.66
CA ALA A 141 15.67 -12.58 0.14
C ALA A 141 15.86 -11.08 0.18
N ALA A 142 15.37 -10.40 -0.84
CA ALA A 142 15.47 -8.95 -0.93
C ALA A 142 14.17 -8.40 -1.48
N ASN A 143 13.35 -7.86 -0.55
CA ASN A 143 12.00 -7.35 -0.85
C ASN A 143 11.99 -5.85 -0.70
N ILE A 144 12.21 -5.18 -1.83
CA ILE A 144 12.57 -3.76 -1.87
C ILE A 144 11.52 -2.94 -2.59
N GLU A 145 11.00 -1.93 -1.90
CA GLU A 145 9.94 -1.04 -2.42
C GLU A 145 10.59 -0.02 -3.36
N GLY A 146 9.80 0.57 -4.26
CA GLY A 146 10.27 1.72 -5.06
C GLY A 146 10.66 2.95 -4.24
N GLY A 147 9.76 3.30 -3.32
CA GLY A 147 9.89 4.42 -2.39
C GLY A 147 9.47 4.01 -0.96
N GLY A 148 8.47 4.67 -0.40
CA GLY A 148 7.92 4.32 0.89
C GLY A 148 6.60 3.60 0.95
N GLU A 149 6.10 3.15 -0.21
CA GLU A 149 4.91 2.36 -0.22
C GLU A 149 5.06 1.06 0.55
N PHE A 150 3.97 0.33 0.72
CA PHE A 150 3.98 -0.90 1.53
C PHE A 150 3.27 -2.04 0.78
N THR A 151 4.02 -2.79 0.00
CA THR A 151 3.48 -3.81 -0.91
C THR A 151 4.21 -5.14 -0.86
N VAL A 152 5.52 -5.13 -0.63
CA VAL A 152 6.34 -6.35 -0.66
C VAL A 152 7.25 -6.55 0.55
N SER A 153 7.31 -5.57 1.48
CA SER A 153 8.37 -5.53 2.50
C SER A 153 7.88 -5.88 3.94
N SER A 154 6.66 -6.44 4.07
CA SER A 154 6.09 -6.81 5.36
C SER A 154 6.77 -8.06 6.00
N ALA A 155 6.54 -8.17 7.29
CA ALA A 155 6.94 -9.39 8.04
C ALA A 155 6.32 -10.66 7.44
N GLU A 156 5.08 -10.54 7.04
CA GLU A 156 4.32 -11.66 6.47
C GLU A 156 5.01 -12.14 5.20
N ASP A 157 5.53 -11.23 4.36
CA ASP A 157 6.20 -11.68 3.13
C ASP A 157 7.61 -12.26 3.26
N ILE A 158 8.30 -12.00 4.39
CA ILE A 158 9.52 -12.68 4.69
C ILE A 158 9.13 -14.04 5.26
N LEU A 159 8.14 -14.06 6.14
CA LEU A 159 7.71 -15.33 6.78
C LEU A 159 7.33 -16.40 5.75
N LYS A 160 6.71 -16.01 4.67
CA LYS A 160 6.03 -17.00 3.82
C LYS A 160 7.00 -17.85 3.02
N ASP A 161 8.22 -17.34 2.84
CA ASP A 161 9.28 -18.03 2.11
C ASP A 161 10.38 -18.61 3.03
N LEU A 162 10.16 -18.60 4.35
CA LEU A 162 11.06 -19.28 5.31
C LEU A 162 10.68 -20.77 5.35
N MET B 1 -7.21 -14.48 41.93
CA MET B 1 -6.35 -15.69 41.81
C MET B 1 -5.04 -15.34 41.12
N ALA B 2 -4.02 -16.20 41.23
CA ALA B 2 -2.85 -16.15 40.32
C ALA B 2 -3.23 -16.50 38.85
N PRO B 3 -2.48 -16.01 37.86
CA PRO B 3 -2.82 -16.33 36.46
C PRO B 3 -2.78 -17.83 36.17
N ILE B 4 -3.76 -18.28 35.40
CA ILE B 4 -3.79 -19.64 34.90
C ILE B 4 -2.46 -20.00 34.24
N ALA B 5 -2.05 -21.25 34.43
CA ALA B 5 -0.72 -21.71 34.00
C ALA B 5 -0.79 -23.12 33.44
N VAL B 6 0.19 -23.46 32.64
CA VAL B 6 0.40 -24.80 32.12
C VAL B 6 0.43 -25.78 33.33
N GLY B 7 -0.29 -26.88 33.24
CA GLY B 7 -0.47 -27.81 34.36
C GLY B 7 -1.71 -27.65 35.18
N ASP B 8 -2.37 -26.49 35.11
CA ASP B 8 -3.51 -26.24 35.94
C ASP B 8 -4.73 -26.90 35.27
N VAL B 9 -5.70 -27.30 36.09
CA VAL B 9 -7.02 -27.61 35.58
C VAL B 9 -7.74 -26.31 35.34
N LEU B 10 -8.41 -26.21 34.20
CA LEU B 10 -9.21 -25.05 33.93
C LEU B 10 -10.36 -24.88 34.93
N PRO B 11 -10.61 -23.73 35.53
CA PRO B 11 -11.77 -23.57 36.40
C PRO B 11 -13.09 -23.69 35.63
N ASP B 12 -14.16 -24.03 36.36
CA ASP B 12 -15.51 -24.00 35.78
C ASP B 12 -16.10 -22.59 35.88
N GLY B 13 -17.14 -22.34 35.09
CA GLY B 13 -17.91 -21.11 35.13
C GLY B 13 -18.96 -21.13 34.03
N LYS B 14 -19.84 -20.12 34.06
CA LYS B 14 -20.95 -20.05 33.16
C LYS B 14 -20.73 -18.92 32.18
N LEU B 15 -20.81 -19.21 30.88
CA LEU B 15 -20.70 -18.18 29.83
C LEU B 15 -21.96 -18.06 28.99
N ALA B 16 -22.27 -16.89 28.45
CA ALA B 16 -23.53 -16.65 27.75
C ALA B 16 -23.34 -16.52 26.22
N TYR B 17 -24.36 -16.92 25.46
CA TYR B 17 -24.41 -16.78 23.97
C TYR B 17 -25.82 -16.86 23.45
N PHE B 18 -26.03 -16.54 22.19
CA PHE B 18 -27.32 -16.77 21.56
C PHE B 18 -27.30 -18.00 20.65
N ASP B 19 -28.27 -18.88 20.79
CA ASP B 19 -28.35 -20.07 19.93
C ASP B 19 -28.83 -19.74 18.52
N GLU B 20 -28.96 -20.77 17.68
CA GLU B 20 -29.34 -20.56 16.29
C GLU B 20 -30.75 -20.01 16.12
N GLN B 21 -31.60 -20.20 17.11
CA GLN B 21 -32.98 -19.69 17.13
C GLN B 21 -33.04 -18.29 17.76
N ASP B 22 -31.85 -17.69 17.95
CA ASP B 22 -31.70 -16.36 18.60
C ASP B 22 -32.23 -16.33 20.02
N GLN B 23 -32.06 -17.44 20.79
CA GLN B 23 -32.45 -17.50 22.18
C GLN B 23 -31.19 -17.44 23.07
N LEU B 24 -31.28 -16.66 24.13
CA LEU B 24 -30.20 -16.48 25.06
C LEU B 24 -30.02 -17.80 25.85
N GLN B 25 -28.78 -18.27 25.90
CA GLN B 25 -28.36 -19.45 26.67
C GLN B 25 -27.14 -19.22 27.52
N GLU B 26 -27.00 -20.12 28.48
CA GLU B 26 -25.85 -20.23 29.37
C GLU B 26 -25.20 -21.62 29.15
N VAL B 27 -23.88 -21.72 29.28
CA VAL B 27 -23.15 -22.99 29.06
C VAL B 27 -22.00 -22.99 30.06
N SER B 28 -21.85 -24.10 30.76
CA SER B 28 -20.70 -24.28 31.64
C SER B 28 -19.46 -24.49 30.79
N VAL B 29 -18.32 -23.91 31.19
CA VAL B 29 -17.08 -24.17 30.50
C VAL B 29 -16.69 -25.64 30.54
N HIS B 30 -16.83 -26.26 31.72
CA HIS B 30 -16.53 -27.71 31.82
C HIS B 30 -17.43 -28.55 30.92
N SER B 31 -18.71 -28.21 30.81
CA SER B 31 -19.60 -28.94 29.89
C SER B 31 -19.10 -28.88 28.46
N LEU B 32 -18.61 -27.71 28.06
CA LEU B 32 -18.19 -27.45 26.71
C LEU B 32 -16.88 -28.17 26.36
N VAL B 33 -15.94 -28.26 27.31
CA VAL B 33 -14.58 -28.72 26.97
C VAL B 33 -14.06 -30.04 27.60
N ALA B 34 -14.83 -30.64 28.51
CA ALA B 34 -14.42 -31.90 29.08
C ALA B 34 -14.24 -32.91 27.96
N GLY B 35 -13.18 -33.72 28.08
CA GLY B 35 -12.90 -34.79 27.14
C GLY B 35 -12.41 -34.40 25.76
N LYS B 36 -12.05 -33.13 25.59
CA LYS B 36 -11.73 -32.61 24.28
C LYS B 36 -10.41 -31.81 24.29
N LYS B 37 -9.81 -31.67 23.09
CA LYS B 37 -8.70 -30.72 22.81
C LYS B 37 -9.30 -29.43 22.23
N VAL B 38 -9.15 -28.31 22.96
CA VAL B 38 -9.75 -27.04 22.60
C VAL B 38 -8.77 -25.87 22.76
N ILE B 39 -9.13 -24.76 22.12
CA ILE B 39 -8.47 -23.46 22.34
C ILE B 39 -9.46 -22.55 23.06
N LEU B 40 -9.01 -21.86 24.08
CA LEU B 40 -9.77 -20.73 24.70
C LEU B 40 -8.85 -19.55 24.43
N PHE B 41 -9.33 -18.51 23.76
CA PHE B 41 -8.55 -17.30 23.61
C PHE B 41 -9.40 -16.13 24.05
N GLY B 42 -8.76 -15.24 24.79
CA GLY B 42 -9.40 -14.11 25.45
C GLY B 42 -8.96 -12.79 24.83
N VAL B 43 -9.87 -11.81 24.83
CA VAL B 43 -9.64 -10.50 24.22
C VAL B 43 -10.08 -9.44 25.17
N PRO B 44 -9.43 -8.27 25.21
CA PRO B 44 -9.94 -7.17 26.03
C PRO B 44 -11.32 -6.61 25.67
N GLY B 45 -11.68 -6.57 24.40
CA GLY B 45 -12.97 -6.03 24.03
C GLY B 45 -13.46 -6.22 22.61
N ALA B 46 -14.69 -6.66 22.49
CA ALA B 46 -15.37 -6.70 21.21
C ALA B 46 -15.33 -5.31 20.56
N PHE B 47 -15.12 -5.30 19.24
CA PHE B 47 -15.09 -4.10 18.40
C PHE B 47 -13.87 -3.24 18.51
N THR B 48 -12.94 -3.58 19.43
CA THR B 48 -11.71 -2.79 19.57
C THR B 48 -10.73 -3.19 18.49
N PRO B 49 -9.83 -2.29 18.05
CA PRO B 49 -9.06 -2.56 16.83
C PRO B 49 -8.15 -3.79 16.84
N THR B 50 -7.33 -3.99 17.87
CA THR B 50 -6.39 -5.14 17.83
C THR B 50 -7.18 -6.47 17.88
N CYS B 51 -8.12 -6.56 18.80
CA CYS B 51 -9.01 -7.73 18.89
C CYS B 51 -9.70 -8.06 17.57
N SER B 52 -10.26 -7.02 16.93
CA SER B 52 -11.18 -7.18 15.81
C SER B 52 -10.52 -7.31 14.47
N LEU B 53 -9.41 -6.60 14.27
CA LEU B 53 -8.70 -6.64 12.98
C LEU B 53 -7.45 -7.53 12.90
N LYS B 54 -6.95 -7.93 14.05
CA LYS B 54 -5.72 -8.75 14.13
C LYS B 54 -5.93 -10.12 14.83
N HIS B 55 -6.36 -10.10 16.09
CA HIS B 55 -6.36 -11.35 16.91
C HIS B 55 -7.48 -12.29 16.45
N VAL B 56 -8.73 -11.84 16.43
CA VAL B 56 -9.85 -12.69 15.95
C VAL B 56 -9.66 -13.21 14.51
N PRO B 57 -9.31 -12.34 13.56
CA PRO B 57 -9.09 -12.82 12.18
C PRO B 57 -8.08 -13.91 12.00
N GLY B 58 -7.07 -13.98 12.86
CA GLY B 58 -6.09 -15.04 12.80
C GLY B 58 -6.72 -16.38 13.09
N PHE B 59 -7.54 -16.43 14.16
CA PHE B 59 -8.24 -17.67 14.50
C PHE B 59 -9.27 -18.08 13.45
N ILE B 60 -9.93 -17.12 12.83
CA ILE B 60 -10.88 -17.47 11.73
C ILE B 60 -10.11 -18.06 10.54
N GLU B 61 -9.02 -17.42 10.15
CA GLU B 61 -8.20 -17.91 9.01
C GLU B 61 -7.53 -19.24 9.24
N LYS B 62 -7.06 -19.51 10.46
CA LYS B 62 -6.28 -20.70 10.79
C LYS B 62 -7.12 -21.85 11.34
N ALA B 63 -8.43 -21.65 11.41
CA ALA B 63 -9.32 -22.60 12.10
C ALA B 63 -9.26 -23.99 11.50
N GLY B 64 -9.26 -24.06 10.18
CA GLY B 64 -9.06 -25.33 9.45
C GLY B 64 -7.78 -26.06 9.73
N GLU B 65 -6.64 -25.36 9.68
CA GLU B 65 -5.37 -25.96 10.10
C GLU B 65 -5.34 -26.43 11.52
N LEU B 66 -6.00 -25.66 12.41
CA LEU B 66 -6.05 -26.00 13.81
C LEU B 66 -6.86 -27.29 13.99
N LYS B 67 -7.97 -27.38 13.30
CA LYS B 67 -8.84 -28.59 13.35
C LYS B 67 -8.11 -29.83 12.81
N SER B 68 -7.26 -29.65 11.79
CA SER B 68 -6.46 -30.75 11.23
C SER B 68 -5.50 -31.32 12.23
N LYS B 69 -5.06 -30.53 13.21
CA LYS B 69 -4.18 -30.95 14.27
C LYS B 69 -4.90 -31.36 15.59
N GLY B 70 -6.21 -31.58 15.52
CA GLY B 70 -6.95 -32.16 16.63
C GLY B 70 -7.75 -31.22 17.50
N VAL B 71 -7.72 -29.92 17.20
CA VAL B 71 -8.53 -28.94 17.98
C VAL B 71 -9.98 -28.99 17.50
N THR B 72 -10.93 -29.28 18.40
CA THR B 72 -12.34 -29.38 17.99
C THR B 72 -13.28 -28.27 18.46
N GLU B 73 -12.83 -27.39 19.36
CA GLU B 73 -13.58 -26.19 19.72
C GLU B 73 -12.53 -25.06 19.77
N ILE B 74 -12.92 -23.89 19.27
CA ILE B 74 -12.13 -22.63 19.34
C ILE B 74 -13.05 -21.58 19.96
N LEU B 75 -12.79 -21.26 21.22
CA LEU B 75 -13.66 -20.39 22.01
C LEU B 75 -13.01 -19.01 22.20
N CYS B 76 -13.74 -17.94 21.90
CA CYS B 76 -13.32 -16.54 22.15
C CYS B 76 -14.12 -15.98 23.33
N ILE B 77 -13.45 -15.58 24.42
CA ILE B 77 -14.11 -15.09 25.65
C ILE B 77 -13.74 -13.61 25.74
N SER B 78 -14.74 -12.79 26.06
CA SER B 78 -14.48 -11.39 26.38
C SER B 78 -15.33 -10.94 27.56
N VAL B 79 -14.89 -9.90 28.26
CA VAL B 79 -15.69 -9.23 29.29
C VAL B 79 -16.56 -8.23 28.49
N ASN B 80 -17.63 -8.77 27.96
CA ASN B 80 -18.67 -8.07 27.23
C ASN B 80 -19.94 -8.92 27.44
N ASP B 81 -21.08 -8.26 27.44
CA ASP B 81 -22.39 -8.93 27.56
C ASP B 81 -22.77 -9.64 26.30
N PRO B 82 -23.71 -10.58 26.36
CA PRO B 82 -24.02 -11.38 25.18
C PRO B 82 -24.73 -10.63 24.04
N PHE B 83 -25.35 -9.49 24.31
CA PHE B 83 -25.96 -8.69 23.22
C PHE B 83 -24.87 -8.08 22.37
N VAL B 84 -23.87 -7.51 23.01
CA VAL B 84 -22.69 -6.98 22.29
C VAL B 84 -21.95 -8.11 21.56
N MET B 85 -21.73 -9.25 22.25
CA MET B 85 -21.04 -10.38 21.62
C MET B 85 -21.80 -10.93 20.42
N LYS B 86 -23.14 -10.89 20.43
CA LYS B 86 -23.95 -11.27 19.27
C LYS B 86 -23.70 -10.37 18.09
N ALA B 87 -23.67 -9.06 18.34
CA ALA B 87 -23.43 -8.09 17.26
C ALA B 87 -22.02 -8.26 16.74
N TRP B 88 -21.08 -8.53 17.63
CA TRP B 88 -19.66 -8.75 17.19
C TRP B 88 -19.54 -9.98 16.32
N ALA B 89 -20.13 -11.08 16.75
CA ALA B 89 -20.13 -12.34 15.98
C ALA B 89 -20.78 -12.10 14.57
N LYS B 90 -21.82 -11.29 14.52
CA LYS B 90 -22.51 -10.97 13.26
C LYS B 90 -21.61 -10.21 12.28
N SER B 91 -20.65 -9.46 12.80
CA SER B 91 -19.65 -8.75 11.98
C SER B 91 -18.60 -9.63 11.31
N TYR B 92 -18.62 -10.94 11.59
CA TYR B 92 -17.78 -11.91 10.94
C TYR B 92 -18.67 -12.96 10.20
N PRO B 93 -19.37 -12.55 9.17
CA PRO B 93 -20.14 -13.53 8.37
C PRO B 93 -19.29 -14.66 7.76
N GLU B 94 -18.00 -14.44 7.56
CA GLU B 94 -17.03 -15.44 7.06
C GLU B 94 -16.58 -16.47 8.10
N ASN B 95 -16.97 -16.26 9.37
CA ASN B 95 -16.61 -17.20 10.43
C ASN B 95 -17.50 -18.41 10.59
N LYS B 96 -16.91 -19.61 10.57
CA LYS B 96 -17.69 -20.83 10.86
C LYS B 96 -17.31 -21.56 12.15
N HIS B 97 -16.08 -21.39 12.62
CA HIS B 97 -15.51 -22.22 13.66
C HIS B 97 -15.34 -21.55 15.04
N VAL B 98 -15.28 -20.22 15.11
CA VAL B 98 -15.03 -19.56 16.37
C VAL B 98 -16.36 -19.28 17.09
N LYS B 99 -16.45 -19.72 18.36
CA LYS B 99 -17.63 -19.50 19.21
C LYS B 99 -17.37 -18.30 20.12
N PHE B 100 -18.17 -17.25 20.00
CA PHE B 100 -18.03 -16.03 20.78
C PHE B 100 -18.83 -16.20 22.08
N LEU B 101 -18.16 -16.09 23.22
CA LEU B 101 -18.75 -16.33 24.57
C LEU B 101 -18.58 -15.13 25.47
N ALA B 102 -19.62 -14.83 26.23
CA ALA B 102 -19.72 -13.59 27.01
C ALA B 102 -19.47 -13.83 28.51
N ASP B 103 -18.54 -13.06 29.04
CA ASP B 103 -18.19 -12.98 30.48
C ASP B 103 -18.38 -11.53 31.01
N GLY B 104 -19.57 -10.97 30.83
CA GLY B 104 -19.72 -9.52 30.98
C GLY B 104 -19.66 -8.94 32.37
N SER B 105 -19.71 -9.80 33.39
CA SER B 105 -19.39 -9.35 34.76
C SER B 105 -17.94 -9.62 35.22
N ALA B 106 -17.12 -10.20 34.33
CA ALA B 106 -15.73 -10.55 34.56
C ALA B 106 -15.56 -11.66 35.56
N THR B 107 -16.61 -12.44 35.82
CA THR B 107 -16.47 -13.52 36.83
C THR B 107 -15.46 -14.58 36.44
N TYR B 108 -15.59 -15.09 35.22
CA TYR B 108 -14.69 -16.14 34.70
C TYR B 108 -13.28 -15.63 34.57
N THR B 109 -13.12 -14.40 34.07
CA THR B 109 -11.80 -13.80 33.91
C THR B 109 -11.06 -13.73 35.25
N HIS B 110 -11.75 -13.35 36.32
CA HIS B 110 -11.12 -13.36 37.69
C HIS B 110 -10.82 -14.82 38.11
N ALA B 111 -11.67 -15.78 37.76
CA ALA B 111 -11.33 -17.18 38.11
C ALA B 111 -10.05 -17.65 37.41
N LEU B 112 -9.77 -17.14 36.21
CA LEU B 112 -8.53 -17.40 35.49
C LEU B 112 -7.35 -16.58 35.99
N GLY B 113 -7.63 -15.63 36.88
CA GLY B 113 -6.59 -14.69 37.30
C GLY B 113 -6.08 -13.71 36.28
N LEU B 114 -6.91 -13.44 35.28
CA LEU B 114 -6.50 -12.64 34.12
C LEU B 114 -7.17 -11.27 33.99
N GLU B 115 -7.71 -10.76 35.08
CA GLU B 115 -8.29 -9.43 35.12
C GLU B 115 -7.28 -8.32 34.77
N LEU B 116 -7.75 -7.29 34.10
CA LEU B 116 -6.95 -6.19 33.53
C LEU B 116 -7.67 -4.88 33.83
N ASP B 117 -6.99 -3.94 34.48
CA ASP B 117 -7.59 -2.64 34.82
C ASP B 117 -7.43 -1.64 33.69
N LEU B 118 -8.48 -1.49 32.85
CA LEU B 118 -8.51 -0.52 31.81
C LEU B 118 -9.38 0.69 32.16
N GLN B 119 -9.42 1.04 33.44
CA GLN B 119 -10.14 2.22 33.94
C GLN B 119 -9.77 3.49 33.14
N GLU B 120 -8.48 3.74 32.99
CA GLU B 120 -8.05 4.97 32.33
C GLU B 120 -8.34 5.01 30.84
N LYS B 121 -8.32 3.86 30.17
CA LYS B 121 -8.62 3.77 28.78
C LYS B 121 -10.10 3.86 28.46
N GLY B 122 -10.97 3.77 29.47
CA GLY B 122 -12.42 3.90 29.26
C GLY B 122 -13.14 2.55 29.05
N LEU B 123 -12.52 1.44 29.47
CA LEU B 123 -13.10 0.09 29.34
C LEU B 123 -13.36 -0.61 30.65
N GLY B 124 -13.05 0.07 31.78
CA GLY B 124 -13.21 -0.58 33.09
C GLY B 124 -12.38 -1.83 33.25
N THR B 125 -12.89 -2.82 33.96
CA THR B 125 -12.16 -4.08 34.14
C THR B 125 -12.47 -5.03 32.98
N ARG B 126 -11.44 -5.59 32.36
CA ARG B 126 -11.54 -6.51 31.21
C ARG B 126 -10.64 -7.69 31.43
N SER B 127 -10.53 -8.55 30.42
CA SER B 127 -9.49 -9.59 30.36
C SER B 127 -8.22 -9.16 29.62
N ARG B 128 -7.09 -9.57 30.15
CA ARG B 128 -5.88 -9.63 29.39
C ARG B 128 -6.11 -10.47 28.12
N ARG B 129 -5.34 -10.18 27.11
CA ARG B 129 -5.33 -10.95 25.89
C ARG B 129 -4.53 -12.22 26.12
N PHE B 130 -5.04 -13.34 25.59
CA PHE B 130 -4.38 -14.65 25.79
C PHE B 130 -4.84 -15.70 24.82
N ALA B 131 -4.05 -16.79 24.72
CA ALA B 131 -4.51 -18.02 24.04
C ALA B 131 -4.05 -19.21 24.83
N LEU B 132 -4.96 -20.14 25.04
CA LEU B 132 -4.69 -21.41 25.71
C LEU B 132 -5.05 -22.59 24.82
N LEU B 133 -4.22 -23.63 24.97
CA LEU B 133 -4.54 -24.96 24.43
C LEU B 133 -4.88 -25.80 25.65
N VAL B 134 -6.04 -26.44 25.63
CA VAL B 134 -6.51 -27.15 26.82
C VAL B 134 -6.90 -28.56 26.32
N ASP B 135 -6.28 -29.58 26.90
CA ASP B 135 -6.59 -30.97 26.58
C ASP B 135 -7.17 -31.71 27.78
N ASP B 136 -8.42 -32.11 27.65
CA ASP B 136 -9.17 -32.74 28.74
C ASP B 136 -9.12 -31.97 30.06
N LEU B 137 -9.36 -30.67 29.93
CA LEU B 137 -9.50 -29.73 31.03
C LEU B 137 -8.13 -29.34 31.65
N LYS B 138 -7.02 -29.91 31.21
CA LYS B 138 -5.73 -29.43 31.72
C LYS B 138 -5.04 -28.51 30.69
N VAL B 139 -4.55 -27.38 31.17
CA VAL B 139 -3.84 -26.42 30.31
C VAL B 139 -2.48 -26.94 29.86
N LYS B 140 -2.29 -27.07 28.55
CA LYS B 140 -1.06 -27.55 27.90
C LYS B 140 -0.19 -26.45 27.33
N ALA B 141 -0.80 -25.36 26.89
CA ALA B 141 -0.04 -24.17 26.51
C ALA B 141 -0.77 -22.95 27.02
N ALA B 142 -0.04 -21.98 27.55
CA ALA B 142 -0.64 -20.76 28.10
C ALA B 142 0.18 -19.55 27.60
N ASN B 143 -0.34 -18.86 26.56
CA ASN B 143 0.36 -17.73 25.91
C ASN B 143 -0.41 -16.46 26.30
N ILE B 144 0.11 -15.81 27.32
CA ILE B 144 -0.63 -14.74 28.08
C ILE B 144 0.09 -13.38 27.93
N GLU B 145 -0.62 -12.38 27.40
CA GLU B 145 -0.09 -11.00 27.32
C GLU B 145 -0.14 -10.35 28.70
N GLY B 146 0.74 -9.37 28.93
CA GLY B 146 0.57 -8.53 30.10
C GLY B 146 -0.69 -7.67 30.15
N GLY B 147 -1.10 -7.12 29.02
CA GLY B 147 -2.36 -6.36 28.94
C GLY B 147 -3.10 -6.70 27.67
N GLY B 148 -3.27 -5.74 26.78
CA GLY B 148 -3.87 -5.94 25.47
C GLY B 148 -2.98 -5.93 24.24
N GLU B 149 -1.66 -5.92 24.44
CA GLU B 149 -0.75 -6.02 23.30
C GLU B 149 -0.91 -7.36 22.60
N PHE B 150 -0.28 -7.50 21.44
CA PHE B 150 -0.42 -8.67 20.57
C PHE B 150 0.94 -9.18 20.09
N THR B 151 1.52 -10.03 20.92
CA THR B 151 2.91 -10.56 20.71
C THR B 151 3.12 -12.06 20.87
N VAL B 152 2.29 -12.74 21.66
CA VAL B 152 2.44 -14.16 21.96
C VAL B 152 1.16 -14.97 21.76
N SER B 153 0.00 -14.30 21.68
CA SER B 153 -1.28 -14.98 21.78
C SER B 153 -1.95 -15.32 20.43
N SER B 154 -1.23 -15.28 19.33
CA SER B 154 -1.81 -15.50 18.01
C SER B 154 -2.19 -16.99 17.78
N ALA B 155 -3.10 -17.17 16.86
CA ALA B 155 -3.45 -18.50 16.36
C ALA B 155 -2.24 -19.22 15.85
N GLU B 156 -1.46 -18.52 15.05
CA GLU B 156 -0.25 -19.14 14.49
C GLU B 156 0.74 -19.65 15.53
N ASP B 157 0.85 -18.93 16.62
CA ASP B 157 1.75 -19.28 17.70
C ASP B 157 1.21 -20.44 18.58
N ILE B 158 -0.11 -20.73 18.53
CA ILE B 158 -0.62 -22.02 19.05
C ILE B 158 -0.31 -23.13 18.05
N LEU B 159 -0.66 -22.88 16.81
CA LEU B 159 -0.57 -23.89 15.73
C LEU B 159 0.82 -24.48 15.58
N LYS B 160 1.82 -23.61 15.65
CA LYS B 160 3.19 -24.10 15.44
C LYS B 160 3.68 -25.14 16.47
N ASP B 161 3.03 -25.21 17.65
CA ASP B 161 3.44 -26.08 18.74
C ASP B 161 2.55 -27.32 18.90
N LEU B 162 1.62 -27.50 17.96
CA LEU B 162 0.72 -28.66 17.94
C LEU B 162 1.40 -29.82 17.23
N MET C 1 4.77 -6.91 -13.14
CA MET C 1 5.46 -5.68 -12.70
C MET C 1 5.63 -5.64 -11.17
N ALA C 2 6.15 -4.51 -10.65
CA ALA C 2 5.98 -4.14 -9.25
C ALA C 2 4.53 -3.65 -9.08
N PRO C 3 4.03 -3.72 -7.84
CA PRO C 3 2.68 -3.27 -7.55
C PRO C 3 2.52 -1.80 -7.93
N ILE C 4 1.39 -1.53 -8.55
CA ILE C 4 1.01 -0.20 -8.95
C ILE C 4 0.94 0.71 -7.72
N ALA C 5 1.36 1.96 -7.90
CA ALA C 5 1.46 2.92 -6.80
C ALA C 5 0.80 4.25 -7.14
N VAL C 6 0.54 5.03 -6.09
CA VAL C 6 -0.02 6.37 -6.20
C VAL C 6 0.88 7.22 -7.14
N GLY C 7 0.28 7.88 -8.11
CA GLY C 7 1.02 8.69 -9.07
C GLY C 7 1.31 8.03 -10.39
N ASP C 8 1.24 6.70 -10.45
CA ASP C 8 1.38 5.96 -11.70
C ASP C 8 0.14 6.21 -12.59
N VAL C 9 0.28 6.02 -13.89
CA VAL C 9 -0.83 6.06 -14.80
C VAL C 9 -1.30 4.64 -15.06
N LEU C 10 -2.62 4.42 -15.05
CA LEU C 10 -3.19 3.08 -15.22
C LEU C 10 -3.06 2.46 -16.63
N PRO C 11 -2.45 1.28 -16.75
CA PRO C 11 -2.25 0.66 -18.06
C PRO C 11 -3.57 0.30 -18.72
N ASP C 12 -3.60 0.25 -20.06
CA ASP C 12 -4.77 -0.27 -20.78
C ASP C 12 -4.72 -1.77 -20.66
N GLY C 13 -5.77 -2.44 -21.13
CA GLY C 13 -5.93 -3.86 -20.92
C GLY C 13 -7.25 -4.29 -21.48
N LYS C 14 -7.56 -5.58 -21.35
CA LYS C 14 -8.79 -6.19 -21.85
C LYS C 14 -9.53 -6.84 -20.67
N LEU C 15 -10.83 -6.57 -20.50
CA LEU C 15 -11.69 -7.21 -19.49
C LEU C 15 -13.01 -7.64 -20.12
N ALA C 16 -13.60 -8.67 -19.59
CA ALA C 16 -14.77 -9.27 -20.22
C ALA C 16 -15.94 -9.40 -19.24
N TYR C 17 -17.16 -9.45 -19.77
CA TYR C 17 -18.38 -9.49 -18.95
C TYR C 17 -19.63 -9.71 -19.79
N PHE C 18 -20.66 -10.26 -19.18
CA PHE C 18 -21.90 -10.55 -19.89
C PHE C 18 -22.83 -9.32 -19.79
N ASP C 19 -23.34 -8.84 -20.95
CA ASP C 19 -24.31 -7.72 -21.00
C ASP C 19 -25.73 -8.27 -20.76
N GLU C 20 -26.72 -7.39 -20.70
CA GLU C 20 -28.08 -7.79 -20.29
C GLU C 20 -28.72 -8.82 -21.23
N GLN C 21 -28.24 -8.85 -22.48
CA GLN C 21 -28.70 -9.80 -23.49
C GLN C 21 -27.78 -11.03 -23.44
N ASP C 22 -27.21 -11.28 -22.26
CA ASP C 22 -26.38 -12.44 -21.99
C ASP C 22 -25.26 -12.57 -23.01
N GLN C 23 -24.57 -11.46 -23.30
CA GLN C 23 -23.43 -11.48 -24.24
C GLN C 23 -22.09 -11.11 -23.69
N LEU C 24 -21.14 -12.04 -23.85
CA LEU C 24 -19.73 -11.73 -23.74
C LEU C 24 -19.40 -10.42 -24.49
N GLN C 25 -19.18 -9.36 -23.72
CA GLN C 25 -18.54 -8.12 -24.15
C GLN C 25 -17.06 -8.14 -23.74
N GLU C 26 -16.19 -7.69 -24.61
CA GLU C 26 -14.76 -7.65 -24.33
C GLU C 26 -14.34 -6.27 -24.61
N VAL C 27 -13.93 -5.56 -23.57
CA VAL C 27 -13.80 -4.13 -23.66
C VAL C 27 -12.43 -3.72 -23.15
N SER C 28 -11.95 -2.56 -23.58
CA SER C 28 -10.71 -2.02 -23.09
C SER C 28 -10.91 -1.36 -21.69
N VAL C 29 -9.87 -1.38 -20.85
CA VAL C 29 -9.97 -0.83 -19.50
C VAL C 29 -10.17 0.67 -19.63
N HIS C 30 -9.38 1.31 -20.50
CA HIS C 30 -9.51 2.76 -20.69
C HIS C 30 -10.88 3.11 -21.25
N SER C 31 -11.51 2.24 -22.04
CA SER C 31 -12.86 2.55 -22.49
C SER C 31 -13.81 2.75 -21.30
N LEU C 32 -13.55 2.06 -20.18
CA LEU C 32 -14.40 2.16 -18.99
C LEU C 32 -14.03 3.32 -18.06
N VAL C 33 -12.74 3.68 -18.02
CA VAL C 33 -12.23 4.56 -16.96
C VAL C 33 -11.56 5.87 -17.43
N ALA C 34 -11.25 6.01 -18.73
CA ALA C 34 -10.67 7.25 -19.26
C ALA C 34 -11.66 8.41 -19.08
N GLY C 35 -11.14 9.56 -18.64
CA GLY C 35 -11.96 10.76 -18.43
C GLY C 35 -12.92 10.72 -17.26
N LYS C 36 -12.73 9.76 -16.33
CA LYS C 36 -13.62 9.54 -15.17
C LYS C 36 -12.87 9.36 -13.84
N LYS C 37 -13.60 9.59 -12.74
CA LYS C 37 -13.17 9.25 -11.39
C LYS C 37 -13.81 7.90 -11.10
N VAL C 38 -12.97 6.88 -10.90
CA VAL C 38 -13.47 5.52 -10.71
C VAL C 38 -12.81 4.87 -9.52
N ILE C 39 -13.46 3.81 -9.04
CA ILE C 39 -12.82 2.83 -8.19
C ILE C 39 -12.67 1.52 -8.91
N LEU C 40 -11.45 0.98 -8.81
CA LEU C 40 -11.18 -0.37 -9.26
C LEU C 40 -10.76 -1.15 -8.01
N PHE C 41 -11.51 -2.18 -7.63
CA PHE C 41 -11.10 -3.01 -6.49
C PHE C 41 -10.99 -4.48 -6.87
N GLY C 42 -9.96 -5.14 -6.36
CA GLY C 42 -9.74 -6.53 -6.72
C GLY C 42 -9.95 -7.46 -5.59
N VAL C 43 -10.35 -8.71 -5.93
CA VAL C 43 -10.63 -9.75 -5.00
C VAL C 43 -9.90 -11.00 -5.44
N PRO C 44 -9.47 -11.77 -4.47
CA PRO C 44 -8.92 -13.09 -4.80
C PRO C 44 -9.86 -14.08 -5.48
N GLY C 45 -11.13 -14.06 -5.15
CA GLY C 45 -12.01 -15.06 -5.78
C GLY C 45 -13.50 -14.85 -5.60
N ALA C 46 -14.18 -14.89 -6.72
CA ALA C 46 -15.61 -14.98 -6.70
C ALA C 46 -16.11 -16.14 -5.87
N PHE C 47 -17.20 -15.92 -5.11
CA PHE C 47 -17.80 -16.89 -4.24
C PHE C 47 -17.03 -17.18 -2.93
N THR C 48 -15.78 -16.67 -2.79
CA THR C 48 -14.96 -17.03 -1.62
C THR C 48 -15.41 -16.11 -0.47
N PRO C 49 -15.20 -16.54 0.78
CA PRO C 49 -15.87 -15.88 1.93
C PRO C 49 -15.63 -14.43 2.20
N THR C 50 -14.39 -13.99 2.40
CA THR C 50 -14.17 -12.56 2.69
C THR C 50 -14.66 -11.69 1.48
N CYS C 51 -14.30 -12.10 0.26
CA CYS C 51 -14.68 -11.39 -0.94
C CYS C 51 -16.22 -11.23 -1.04
N SER C 52 -16.94 -12.32 -0.75
CA SER C 52 -18.35 -12.45 -1.09
C SER C 52 -19.21 -11.87 0.05
N LEU C 53 -18.74 -12.02 1.28
CA LEU C 53 -19.58 -11.69 2.46
C LEU C 53 -19.19 -10.37 3.11
N LYS C 54 -18.02 -9.86 2.79
CA LYS C 54 -17.52 -8.63 3.42
C LYS C 54 -17.11 -7.58 2.43
N HIS C 55 -16.20 -7.90 1.49
CA HIS C 55 -15.60 -6.91 0.60
C HIS C 55 -16.62 -6.35 -0.39
N VAL C 56 -17.19 -7.22 -1.21
CA VAL C 56 -18.16 -6.77 -2.20
C VAL C 56 -19.39 -6.09 -1.57
N PRO C 57 -19.97 -6.68 -0.53
CA PRO C 57 -21.08 -6.02 0.17
C PRO C 57 -20.77 -4.63 0.65
N GLY C 58 -19.57 -4.33 1.12
CA GLY C 58 -19.18 -3.00 1.48
C GLY C 58 -19.35 -2.03 0.34
N PHE C 59 -18.85 -2.42 -0.84
CA PHE C 59 -18.93 -1.53 -2.01
C PHE C 59 -20.39 -1.35 -2.50
N ILE C 60 -21.19 -2.39 -2.40
CA ILE C 60 -22.62 -2.29 -2.75
C ILE C 60 -23.32 -1.32 -1.79
N GLU C 61 -23.08 -1.50 -0.48
CA GLU C 61 -23.72 -0.67 0.55
C GLU C 61 -23.30 0.80 0.46
N LYS C 62 -22.05 1.09 0.16
CA LYS C 62 -21.50 2.45 0.12
C LYS C 62 -21.57 3.09 -1.30
N ALA C 63 -22.15 2.41 -2.28
CA ALA C 63 -22.11 2.92 -3.69
C ALA C 63 -22.71 4.34 -3.81
N GLY C 64 -23.86 4.56 -3.17
CA GLY C 64 -24.49 5.88 -3.23
C GLY C 64 -23.65 6.99 -2.65
N GLU C 65 -22.98 6.74 -1.52
CA GLU C 65 -22.09 7.72 -0.91
C GLU C 65 -20.86 7.98 -1.74
N LEU C 66 -20.28 6.90 -2.28
CA LEU C 66 -19.15 7.03 -3.19
C LEU C 66 -19.53 7.89 -4.40
N LYS C 67 -20.69 7.65 -4.98
CA LYS C 67 -21.14 8.44 -6.15
C LYS C 67 -21.34 9.90 -5.76
N SER C 68 -21.83 10.14 -4.56
CA SER C 68 -22.06 11.50 -4.08
C SER C 68 -20.74 12.26 -3.96
N LYS C 69 -19.66 11.52 -3.76
CA LYS C 69 -18.31 12.10 -3.73
C LYS C 69 -17.60 12.04 -5.09
N GLY C 70 -18.35 11.88 -6.19
CA GLY C 70 -17.80 11.98 -7.54
C GLY C 70 -17.31 10.72 -8.24
N VAL C 71 -17.53 9.54 -7.65
CA VAL C 71 -17.10 8.27 -8.25
C VAL C 71 -18.18 7.79 -9.24
N THR C 72 -17.78 7.54 -10.49
CA THR C 72 -18.73 7.28 -11.58
C THR C 72 -18.71 5.84 -12.08
N GLU C 73 -17.71 5.07 -11.66
CA GLU C 73 -17.63 3.65 -11.95
C GLU C 73 -17.05 2.98 -10.69
N ILE C 74 -17.65 1.88 -10.30
CA ILE C 74 -17.11 0.98 -9.28
C ILE C 74 -16.92 -0.35 -9.94
N LEU C 75 -15.65 -0.70 -10.20
CA LEU C 75 -15.33 -1.90 -10.94
C LEU C 75 -14.71 -2.93 -9.97
N CYS C 76 -15.26 -4.14 -9.96
CA CYS C 76 -14.66 -5.28 -9.25
C CYS C 76 -13.99 -6.24 -10.25
N ILE C 77 -12.68 -6.45 -10.10
CA ILE C 77 -11.94 -7.35 -10.98
C ILE C 77 -11.52 -8.59 -10.17
N SER C 78 -11.62 -9.75 -10.82
CA SER C 78 -11.12 -10.97 -10.27
C SER C 78 -10.47 -11.83 -11.35
N VAL C 79 -9.53 -12.66 -10.93
CA VAL C 79 -9.04 -13.78 -11.74
C VAL C 79 -10.02 -14.93 -11.68
N ASN C 80 -11.07 -14.74 -12.49
CA ASN C 80 -12.14 -15.72 -12.73
C ASN C 80 -12.63 -15.42 -14.18
N ASP C 81 -13.17 -16.45 -14.84
CA ASP C 81 -13.70 -16.36 -16.18
C ASP C 81 -15.07 -15.65 -16.18
N PRO C 82 -15.54 -15.17 -17.32
CA PRO C 82 -16.84 -14.45 -17.32
C PRO C 82 -18.11 -15.27 -17.00
N PHE C 83 -18.08 -16.59 -17.18
CA PHE C 83 -19.23 -17.44 -16.81
C PHE C 83 -19.41 -17.47 -15.29
N VAL C 84 -18.32 -17.67 -14.54
CA VAL C 84 -18.34 -17.59 -13.07
C VAL C 84 -18.66 -16.17 -12.56
N MET C 85 -18.07 -15.15 -13.14
CA MET C 85 -18.40 -13.77 -12.74
C MET C 85 -19.86 -13.46 -12.97
N LYS C 86 -20.43 -13.96 -14.08
CA LYS C 86 -21.87 -13.82 -14.31
C LYS C 86 -22.72 -14.43 -13.18
N ALA C 87 -22.41 -15.66 -12.82
CA ALA C 87 -23.13 -16.35 -11.76
C ALA C 87 -22.97 -15.56 -10.44
N TRP C 88 -21.73 -15.13 -10.13
CA TRP C 88 -21.45 -14.34 -8.90
C TRP C 88 -22.23 -13.01 -8.93
N ALA C 89 -22.23 -12.27 -10.02
CA ALA C 89 -23.02 -10.99 -10.08
C ALA C 89 -24.50 -11.20 -9.77
N LYS C 90 -25.09 -12.30 -10.29
CA LYS C 90 -26.50 -12.67 -10.03
C LYS C 90 -26.78 -13.03 -8.59
N SER C 91 -25.73 -13.32 -7.82
CA SER C 91 -25.90 -13.60 -6.40
C SER C 91 -26.13 -12.35 -5.58
N TYR C 92 -26.06 -11.18 -6.22
CA TYR C 92 -26.29 -9.87 -5.62
C TYR C 92 -27.42 -9.15 -6.37
N PRO C 93 -28.66 -9.62 -6.27
CA PRO C 93 -29.75 -8.90 -6.94
C PRO C 93 -29.91 -7.43 -6.41
N GLU C 94 -29.48 -7.21 -5.17
CA GLU C 94 -29.42 -5.88 -4.55
C GLU C 94 -28.50 -4.83 -5.21
N ASN C 95 -27.56 -5.30 -6.03
CA ASN C 95 -26.54 -4.43 -6.61
C ASN C 95 -27.00 -3.67 -7.83
N LYS C 96 -26.80 -2.35 -7.82
CA LYS C 96 -27.11 -1.51 -8.98
C LYS C 96 -25.89 -0.81 -9.59
N HIS C 97 -24.73 -0.85 -8.93
CA HIS C 97 -23.64 0.05 -9.33
C HIS C 97 -22.33 -0.66 -9.66
N VAL C 98 -22.08 -1.82 -9.06
CA VAL C 98 -20.80 -2.51 -9.24
C VAL C 98 -20.83 -3.38 -10.52
N LYS C 99 -19.76 -3.26 -11.31
CA LYS C 99 -19.56 -4.06 -12.51
C LYS C 99 -18.57 -5.20 -12.18
N PHE C 100 -18.98 -6.45 -12.41
CA PHE C 100 -18.12 -7.62 -12.17
C PHE C 100 -17.34 -8.03 -13.42
N LEU C 101 -16.02 -7.84 -13.36
CA LEU C 101 -15.14 -7.96 -14.55
C LEU C 101 -14.16 -9.12 -14.44
N ALA C 102 -14.08 -9.87 -15.54
CA ALA C 102 -13.33 -11.11 -15.63
C ALA C 102 -11.91 -10.90 -16.19
N ASP C 103 -10.92 -11.41 -15.47
CA ASP C 103 -9.50 -11.41 -15.88
C ASP C 103 -8.98 -12.84 -15.60
N GLY C 104 -9.63 -13.80 -16.26
CA GLY C 104 -9.48 -15.22 -15.97
C GLY C 104 -8.16 -15.90 -16.31
N SER C 105 -7.34 -15.25 -17.16
CA SER C 105 -5.96 -15.72 -17.42
C SER C 105 -4.91 -14.91 -16.59
N ALA C 106 -5.39 -14.07 -15.69
CA ALA C 106 -4.58 -13.20 -14.83
C ALA C 106 -3.72 -12.18 -15.61
N THR C 107 -4.06 -11.91 -16.87
CA THR C 107 -3.27 -10.98 -17.72
C THR C 107 -3.22 -9.54 -17.24
N TYR C 108 -4.38 -8.91 -17.01
CA TYR C 108 -4.38 -7.53 -16.48
C TYR C 108 -3.87 -7.42 -15.06
N THR C 109 -4.18 -8.41 -14.23
CA THR C 109 -3.66 -8.48 -12.90
C THR C 109 -2.12 -8.42 -12.87
N HIS C 110 -1.49 -9.15 -13.78
CA HIS C 110 -0.05 -9.07 -13.85
C HIS C 110 0.44 -7.69 -14.36
N ALA C 111 -0.31 -7.09 -15.27
CA ALA C 111 0.04 -5.77 -15.78
C ALA C 111 -0.08 -4.73 -14.68
N LEU C 112 -0.78 -5.04 -13.59
CA LEU C 112 -0.89 -4.15 -12.45
C LEU C 112 0.10 -4.49 -11.36
N GLY C 113 0.87 -5.58 -11.52
CA GLY C 113 1.76 -6.04 -10.47
C GLY C 113 1.15 -6.65 -9.20
N LEU C 114 -0.14 -7.02 -9.29
CA LEU C 114 -0.93 -7.46 -8.14
C LEU C 114 -1.22 -8.96 -8.08
N GLU C 115 -0.54 -9.73 -8.93
CA GLU C 115 -0.66 -11.20 -8.81
C GLU C 115 -0.38 -11.72 -7.40
N LEU C 116 -1.03 -12.84 -7.07
CA LEU C 116 -0.98 -13.45 -5.76
C LEU C 116 -0.93 -14.99 -5.93
N ASP C 117 0.06 -15.63 -5.31
CA ASP C 117 0.27 -17.05 -5.52
C ASP C 117 -0.51 -17.79 -4.43
N LEU C 118 -1.70 -18.30 -4.80
CA LEU C 118 -2.46 -19.14 -3.93
C LEU C 118 -2.39 -20.62 -4.38
N GLN C 119 -1.31 -21.04 -5.05
CA GLN C 119 -1.18 -22.43 -5.52
C GLN C 119 -1.39 -23.40 -4.36
N GLU C 120 -0.67 -23.17 -3.27
CA GLU C 120 -0.81 -24.02 -2.10
C GLU C 120 -2.23 -24.12 -1.51
N LYS C 121 -2.99 -23.04 -1.52
CA LYS C 121 -4.36 -23.04 -0.99
C LYS C 121 -5.43 -23.62 -1.95
N GLY C 122 -5.01 -23.92 -3.18
CA GLY C 122 -5.88 -24.57 -4.17
C GLY C 122 -6.59 -23.61 -5.10
N LEU C 123 -6.12 -22.37 -5.18
CA LEU C 123 -6.70 -21.40 -6.17
C LEU C 123 -5.79 -20.94 -7.30
N GLY C 124 -4.60 -21.54 -7.46
CA GLY C 124 -3.69 -21.14 -8.50
C GLY C 124 -3.24 -19.68 -8.27
N THR C 125 -2.94 -18.97 -9.35
CA THR C 125 -2.59 -17.56 -9.31
C THR C 125 -3.90 -16.78 -9.35
N ARG C 126 -4.03 -15.82 -8.43
CA ARG C 126 -5.19 -14.95 -8.33
C ARG C 126 -4.69 -13.51 -8.21
N SER C 127 -5.60 -12.59 -7.94
CA SER C 127 -5.23 -11.21 -7.59
C SER C 127 -5.18 -11.02 -6.09
N ARG C 128 -4.28 -10.12 -5.66
CA ARG C 128 -4.34 -9.65 -4.31
C ARG C 128 -5.64 -8.83 -4.09
N ARG C 129 -6.02 -8.68 -2.85
CA ARG C 129 -7.16 -7.83 -2.47
C ARG C 129 -6.66 -6.39 -2.46
N PHE C 130 -7.40 -5.50 -3.10
CA PHE C 130 -6.97 -4.09 -3.13
C PHE C 130 -8.14 -3.19 -3.49
N ALA C 131 -7.95 -1.87 -3.30
CA ALA C 131 -8.85 -0.89 -3.85
C ALA C 131 -8.03 0.32 -4.31
N LEU C 132 -8.32 0.78 -5.52
CA LEU C 132 -7.70 1.96 -6.12
C LEU C 132 -8.76 3.01 -6.40
N LEU C 133 -8.39 4.26 -6.10
CA LEU C 133 -9.05 5.45 -6.69
C LEU C 133 -8.20 6.01 -7.83
N VAL C 134 -8.79 6.05 -9.01
CA VAL C 134 -8.13 6.49 -10.25
C VAL C 134 -8.93 7.66 -10.89
N ASP C 135 -8.27 8.82 -11.02
CA ASP C 135 -8.85 10.06 -11.57
C ASP C 135 -8.27 10.37 -12.96
N ASP C 136 -9.05 10.12 -14.00
CA ASP C 136 -8.62 10.26 -15.39
C ASP C 136 -7.27 9.55 -15.54
N LEU C 137 -7.30 8.25 -15.26
CA LEU C 137 -6.13 7.37 -15.41
C LEU C 137 -4.97 7.55 -14.41
N LYS C 138 -5.00 8.57 -13.57
CA LYS C 138 -3.96 8.73 -12.57
C LYS C 138 -4.42 8.06 -11.26
N VAL C 139 -3.50 7.29 -10.64
CA VAL C 139 -3.78 6.61 -9.37
C VAL C 139 -3.63 7.63 -8.23
N LYS C 140 -4.75 8.00 -7.60
CA LYS C 140 -4.74 8.91 -6.45
C LYS C 140 -4.70 8.21 -5.08
N ALA C 141 -5.19 6.96 -5.01
CA ALA C 141 -5.10 6.18 -3.78
C ALA C 141 -4.90 4.72 -4.20
N ALA C 142 -3.96 4.05 -3.51
CA ALA C 142 -3.72 2.62 -3.69
C ALA C 142 -3.69 1.93 -2.30
N ASN C 143 -4.77 1.21 -1.98
CA ASN C 143 -4.90 0.50 -0.71
C ASN C 143 -4.82 -0.98 -1.00
N ILE C 144 -3.60 -1.49 -0.90
CA ILE C 144 -3.25 -2.87 -1.31
C ILE C 144 -2.95 -3.74 -0.08
N GLU C 145 -3.61 -4.91 0.02
CA GLU C 145 -3.39 -5.87 1.10
C GLU C 145 -2.23 -6.81 0.73
N GLY C 146 -1.68 -7.51 1.71
CA GLY C 146 -0.63 -8.47 1.40
C GLY C 146 -1.09 -9.72 0.69
N GLY C 147 -2.18 -10.28 1.17
CA GLY C 147 -2.76 -11.51 0.60
C GLY C 147 -4.21 -11.18 0.34
N GLY C 148 -5.11 -11.90 1.01
CA GLY C 148 -6.53 -11.56 0.97
C GLY C 148 -7.03 -11.09 2.32
N GLU C 149 -6.14 -10.62 3.18
CA GLU C 149 -6.59 -9.99 4.42
C GLU C 149 -7.41 -8.73 4.16
N PHE C 150 -7.99 -8.19 5.23
CA PHE C 150 -9.01 -7.17 5.11
C PHE C 150 -8.76 -6.05 6.13
N THR C 151 -7.71 -5.26 5.87
CA THR C 151 -7.36 -4.16 6.80
C THR C 151 -7.27 -2.76 6.20
N VAL C 152 -7.16 -2.64 4.88
CA VAL C 152 -7.09 -1.32 4.24
C VAL C 152 -7.97 -1.11 2.97
N SER C 153 -8.55 -2.18 2.41
CA SER C 153 -9.11 -2.16 1.05
C SER C 153 -10.63 -2.03 1.01
N SER C 154 -11.24 -1.76 2.16
CA SER C 154 -12.70 -1.62 2.27
C SER C 154 -13.24 -0.35 1.58
N ALA C 155 -14.53 -0.40 1.33
CA ALA C 155 -15.25 0.73 0.74
C ALA C 155 -15.21 1.94 1.71
N GLU C 156 -15.37 1.66 3.01
CA GLU C 156 -15.32 2.69 4.06
C GLU C 156 -13.98 3.43 4.09
N ASP C 157 -12.89 2.69 3.90
CA ASP C 157 -11.54 3.25 3.82
C ASP C 157 -11.23 4.10 2.56
N ILE C 158 -11.82 3.75 1.40
CA ILE C 158 -11.63 4.52 0.16
C ILE C 158 -12.40 5.82 0.37
N LEU C 159 -13.53 5.73 1.04
CA LEU C 159 -14.48 6.84 1.19
C LEU C 159 -13.90 7.96 2.03
N LYS C 160 -13.09 7.59 3.02
CA LYS C 160 -12.62 8.52 4.04
C LYS C 160 -11.67 9.56 3.45
N ASP C 161 -10.93 9.17 2.42
CA ASP C 161 -10.00 10.07 1.73
C ASP C 161 -10.57 10.78 0.47
N LEU C 162 -11.83 10.50 0.12
CA LEU C 162 -12.50 11.27 -0.93
C LEU C 162 -12.89 12.63 -0.42
N ALA D 2 17.49 34.24 -12.05
CA ALA D 2 16.02 34.20 -11.83
C ALA D 2 15.32 33.52 -13.02
N PRO D 3 14.20 32.84 -12.76
CA PRO D 3 13.42 32.28 -13.87
C PRO D 3 12.80 33.39 -14.67
N ILE D 4 12.61 33.13 -15.96
CA ILE D 4 11.89 34.06 -16.82
C ILE D 4 10.57 34.46 -16.16
N ALA D 5 10.17 35.71 -16.36
CA ALA D 5 9.05 36.27 -15.62
C ALA D 5 8.19 37.19 -16.48
N VAL D 6 7.01 37.55 -15.96
CA VAL D 6 6.10 38.40 -16.71
C VAL D 6 6.73 39.80 -16.93
N GLY D 7 6.60 40.30 -18.18
CA GLY D 7 7.21 41.55 -18.63
C GLY D 7 8.61 41.47 -19.22
N ASP D 8 9.25 40.31 -19.10
CA ASP D 8 10.58 40.10 -19.62
C ASP D 8 10.46 39.86 -21.12
N VAL D 9 11.52 40.20 -21.84
CA VAL D 9 11.67 39.79 -23.24
C VAL D 9 12.04 38.32 -23.22
N LEU D 10 11.48 37.56 -24.15
CA LEU D 10 11.87 36.18 -24.35
C LEU D 10 13.24 36.19 -25.00
N PRO D 11 14.24 35.47 -24.45
CA PRO D 11 15.60 35.53 -25.00
C PRO D 11 15.70 34.81 -26.33
N ASP D 12 16.57 35.31 -27.20
CA ASP D 12 16.86 34.64 -28.45
C ASP D 12 17.64 33.38 -28.09
N GLY D 13 17.63 32.45 -29.03
CA GLY D 13 18.32 31.19 -28.85
C GLY D 13 18.29 30.40 -30.13
N LYS D 14 18.80 29.18 -30.07
CA LYS D 14 18.75 28.27 -31.18
C LYS D 14 18.09 26.97 -30.78
N LEU D 15 17.14 26.52 -31.58
CA LEU D 15 16.45 25.24 -31.34
C LEU D 15 16.40 24.46 -32.63
N ALA D 16 16.25 23.14 -32.51
CA ALA D 16 16.28 22.27 -33.67
C ALA D 16 15.05 21.41 -33.75
N TYR D 17 14.65 21.11 -34.97
CA TYR D 17 13.54 20.21 -35.21
C TYR D 17 13.45 19.70 -36.64
N PHE D 18 12.84 18.53 -36.78
CA PHE D 18 12.54 17.95 -38.08
C PHE D 18 11.17 18.41 -38.58
N ASP D 19 11.15 19.04 -39.75
CA ASP D 19 9.91 19.52 -40.35
C ASP D 19 9.07 18.35 -40.89
N GLU D 20 7.94 18.65 -41.51
CA GLU D 20 7.03 17.61 -41.98
C GLU D 20 7.56 16.82 -43.19
N GLN D 21 8.56 17.37 -43.87
CA GLN D 21 9.30 16.67 -44.93
C GLN D 21 10.60 15.98 -44.45
N ASP D 22 10.79 15.88 -43.14
CA ASP D 22 11.91 15.13 -42.59
C ASP D 22 13.29 15.74 -42.80
N GLN D 23 13.36 17.06 -43.00
CA GLN D 23 14.64 17.78 -43.06
C GLN D 23 14.94 18.48 -41.72
N LEU D 24 16.18 18.38 -41.26
CA LEU D 24 16.61 18.95 -39.98
C LEU D 24 16.83 20.47 -40.08
N GLN D 25 16.09 21.21 -39.26
CA GLN D 25 16.12 22.67 -39.23
C GLN D 25 16.80 23.13 -37.95
N GLU D 26 17.69 24.11 -38.06
CA GLU D 26 18.22 24.79 -36.90
C GLU D 26 17.91 26.27 -37.09
N VAL D 27 17.05 26.81 -36.22
CA VAL D 27 16.64 28.21 -36.34
C VAL D 27 16.58 28.93 -34.99
N SER D 28 16.51 30.25 -35.10
CA SER D 28 16.52 31.10 -33.94
C SER D 28 15.10 31.22 -33.34
N VAL D 29 15.03 31.34 -32.02
CA VAL D 29 13.76 31.50 -31.31
C VAL D 29 13.10 32.79 -31.80
N HIS D 30 13.85 33.89 -31.87
CA HIS D 30 13.24 35.13 -32.40
C HIS D 30 12.70 34.97 -33.86
N SER D 31 13.39 34.20 -34.70
CA SER D 31 12.91 34.00 -36.09
C SER D 31 11.57 33.24 -36.07
N LEU D 32 11.37 32.35 -35.10
CA LEU D 32 10.14 31.55 -35.04
C LEU D 32 8.92 32.28 -34.46
N VAL D 33 9.15 33.27 -33.58
CA VAL D 33 8.06 33.91 -32.84
C VAL D 33 8.00 35.45 -32.83
N ALA D 34 9.00 36.12 -33.39
CA ALA D 34 8.93 37.58 -33.53
C ALA D 34 7.69 37.93 -34.34
N GLY D 35 7.06 39.02 -33.94
CA GLY D 35 5.88 39.53 -34.63
C GLY D 35 4.59 38.76 -34.38
N LYS D 36 4.61 37.75 -33.50
CA LYS D 36 3.47 36.82 -33.33
C LYS D 36 3.09 36.54 -31.88
N LYS D 37 1.88 36.03 -31.66
CA LYS D 37 1.45 35.64 -30.31
C LYS D 37 1.46 34.12 -30.20
N VAL D 38 2.26 33.58 -29.26
CA VAL D 38 2.62 32.17 -29.20
C VAL D 38 2.65 31.62 -27.75
N ILE D 39 2.59 30.30 -27.63
CA ILE D 39 2.81 29.60 -26.39
C ILE D 39 4.08 28.74 -26.54
N LEU D 40 4.93 28.82 -25.53
CA LEU D 40 6.06 27.90 -25.36
C LEU D 40 5.85 27.14 -24.04
N PHE D 41 5.71 25.82 -24.09
CA PHE D 41 5.64 24.99 -22.89
C PHE D 41 6.79 23.98 -22.76
N GLY D 42 7.32 23.88 -21.55
CA GLY D 42 8.48 23.01 -21.29
C GLY D 42 8.10 21.76 -20.60
N VAL D 43 8.83 20.67 -20.90
CA VAL D 43 8.62 19.40 -20.25
C VAL D 43 9.94 18.79 -19.84
N PRO D 44 9.99 17.99 -18.77
CA PRO D 44 11.23 17.28 -18.38
C PRO D 44 11.72 16.23 -19.37
N GLY D 45 10.83 15.50 -20.04
CA GLY D 45 11.35 14.51 -20.96
C GLY D 45 10.40 13.83 -21.91
N ALA D 46 10.78 13.77 -23.17
CA ALA D 46 10.07 12.99 -24.16
C ALA D 46 9.90 11.56 -23.68
N PHE D 47 8.72 11.02 -23.97
CA PHE D 47 8.39 9.63 -23.56
C PHE D 47 8.11 9.37 -22.07
N THR D 48 8.33 10.36 -21.18
CA THR D 48 8.08 10.13 -19.72
C THR D 48 6.57 10.32 -19.49
N PRO D 49 6.01 9.70 -18.45
CA PRO D 49 4.52 9.62 -18.30
C PRO D 49 3.73 10.91 -18.29
N THR D 50 4.02 11.84 -17.38
CA THR D 50 3.20 13.05 -17.31
C THR D 50 3.23 13.91 -18.57
N CYS D 51 4.44 14.11 -19.11
CA CYS D 51 4.66 14.86 -20.32
C CYS D 51 3.87 14.26 -21.48
N SER D 52 3.87 12.95 -21.55
CA SER D 52 3.44 12.20 -22.73
C SER D 52 1.92 11.95 -22.76
N LEU D 53 1.35 11.80 -21.58
CA LEU D 53 -0.04 11.34 -21.42
C LEU D 53 -0.94 12.51 -21.04
N LYS D 54 -0.37 13.53 -20.44
CA LYS D 54 -1.15 14.66 -19.93
C LYS D 54 -0.78 15.97 -20.54
N HIS D 55 0.48 16.40 -20.36
CA HIS D 55 0.87 17.73 -20.73
C HIS D 55 0.73 17.95 -22.24
N VAL D 56 1.38 17.10 -23.05
CA VAL D 56 1.41 17.33 -24.51
C VAL D 56 0.03 17.13 -25.16
N PRO D 57 -0.68 16.07 -24.81
CA PRO D 57 -2.03 15.88 -25.35
C PRO D 57 -2.98 17.04 -25.04
N GLY D 58 -2.85 17.64 -23.87
CA GLY D 58 -3.67 18.78 -23.52
C GLY D 58 -3.53 19.88 -24.54
N PHE D 59 -2.30 20.09 -25.01
CA PHE D 59 -2.04 21.19 -25.93
C PHE D 59 -2.43 20.80 -27.36
N ILE D 60 -2.39 19.51 -27.67
CA ILE D 60 -2.77 19.05 -29.01
C ILE D 60 -4.29 19.29 -29.14
N GLU D 61 -4.99 18.95 -28.06
CA GLU D 61 -6.45 19.03 -27.97
C GLU D 61 -6.96 20.45 -28.07
N LYS D 62 -6.24 21.42 -27.49
CA LYS D 62 -6.75 22.79 -27.39
C LYS D 62 -6.18 23.72 -28.45
N ALA D 63 -5.42 23.14 -29.40
CA ALA D 63 -4.78 23.87 -30.47
C ALA D 63 -5.75 24.68 -31.30
N GLY D 64 -6.92 24.13 -31.59
CA GLY D 64 -7.95 24.84 -32.36
C GLY D 64 -8.49 26.05 -31.59
N GLU D 65 -8.81 25.81 -30.32
CA GLU D 65 -9.20 26.89 -29.39
C GLU D 65 -8.16 28.03 -29.25
N LEU D 66 -6.89 27.64 -29.08
CA LEU D 66 -5.85 28.61 -28.87
C LEU D 66 -5.67 29.41 -30.15
N LYS D 67 -5.74 28.74 -31.30
CA LYS D 67 -5.63 29.43 -32.59
C LYS D 67 -6.75 30.44 -32.73
N SER D 68 -7.96 30.03 -32.36
CA SER D 68 -9.15 30.87 -32.45
C SER D 68 -9.05 32.11 -31.56
N LYS D 69 -8.17 32.03 -30.55
CA LYS D 69 -7.92 33.09 -29.59
C LYS D 69 -6.58 33.81 -29.84
N GLY D 70 -6.00 33.62 -31.04
CA GLY D 70 -4.90 34.46 -31.50
C GLY D 70 -3.52 33.85 -31.37
N VAL D 71 -3.46 32.61 -30.91
CA VAL D 71 -2.18 31.87 -30.74
C VAL D 71 -1.84 31.13 -32.04
N THR D 72 -0.83 31.62 -32.78
CA THR D 72 -0.47 31.03 -34.08
C THR D 72 0.69 30.01 -34.00
N GLU D 73 1.25 29.81 -32.81
CA GLU D 73 2.28 28.78 -32.62
C GLU D 73 2.23 28.21 -31.24
N ILE D 74 2.31 26.89 -31.19
CA ILE D 74 2.34 26.15 -29.95
C ILE D 74 3.58 25.29 -29.92
N LEU D 75 4.50 25.63 -29.03
CA LEU D 75 5.85 25.07 -29.05
C LEU D 75 6.13 24.27 -27.78
N CYS D 76 6.40 23.00 -27.97
CA CYS D 76 6.86 22.14 -26.89
C CYS D 76 8.36 22.05 -26.91
N ILE D 77 9.02 22.51 -25.84
CA ILE D 77 10.51 22.38 -25.72
C ILE D 77 10.87 21.31 -24.67
N SER D 78 11.95 20.58 -24.93
CA SER D 78 12.43 19.58 -24.00
C SER D 78 13.95 19.47 -24.11
N VAL D 79 14.62 19.13 -23.01
CA VAL D 79 16.05 18.75 -23.07
C VAL D 79 16.14 17.30 -23.56
N ASN D 80 16.02 17.20 -24.88
CA ASN D 80 16.16 15.99 -25.68
C ASN D 80 16.66 16.41 -27.07
N ASP D 81 17.41 15.50 -27.75
CA ASP D 81 17.92 15.80 -29.11
C ASP D 81 16.82 15.68 -30.17
N PRO D 82 17.01 16.25 -31.36
CA PRO D 82 15.91 16.25 -32.37
C PRO D 82 15.55 14.90 -32.94
N PHE D 83 16.44 13.92 -32.83
CA PHE D 83 16.08 12.56 -33.26
C PHE D 83 15.07 11.89 -32.32
N VAL D 84 15.28 12.01 -31.01
CA VAL D 84 14.27 11.61 -30.07
C VAL D 84 12.98 12.39 -30.19
N MET D 85 13.07 13.70 -30.32
CA MET D 85 11.88 14.55 -30.50
C MET D 85 11.09 14.24 -31.77
N LYS D 86 11.75 13.95 -32.89
CA LYS D 86 11.08 13.49 -34.12
C LYS D 86 10.28 12.18 -33.85
N ALA D 87 10.87 11.23 -33.15
CA ALA D 87 10.25 9.96 -32.75
C ALA D 87 9.07 10.21 -31.83
N TRP D 88 9.23 11.14 -30.89
CA TRP D 88 8.11 11.49 -30.02
C TRP D 88 6.97 12.19 -30.78
N ALA D 89 7.25 13.10 -31.70
CA ALA D 89 6.21 13.82 -32.46
C ALA D 89 5.39 12.82 -33.24
N LYS D 90 6.06 11.79 -33.73
CA LYS D 90 5.46 10.77 -34.62
C LYS D 90 4.46 9.90 -33.87
N SER D 91 4.63 9.80 -32.52
CA SER D 91 3.71 9.09 -31.61
C SER D 91 2.38 9.84 -31.36
N TYR D 92 2.23 11.04 -31.91
CA TYR D 92 0.97 11.81 -31.89
C TYR D 92 0.48 12.05 -33.34
N PRO D 93 -0.03 10.98 -33.98
CA PRO D 93 -0.41 11.07 -35.40
C PRO D 93 -1.62 12.00 -35.64
N GLU D 94 -2.36 12.28 -34.57
CA GLU D 94 -3.46 13.24 -34.60
C GLU D 94 -3.01 14.71 -34.47
N ASN D 95 -1.77 14.93 -34.00
CA ASN D 95 -1.26 16.28 -33.83
C ASN D 95 -1.03 16.98 -35.15
N LYS D 96 -1.57 18.20 -35.24
CA LYS D 96 -1.48 19.00 -36.44
C LYS D 96 -0.88 20.42 -36.20
N HIS D 97 -0.81 20.87 -34.95
CA HIS D 97 -0.45 22.27 -34.66
C HIS D 97 0.82 22.48 -33.80
N VAL D 98 1.13 21.52 -32.94
CA VAL D 98 2.27 21.59 -31.99
C VAL D 98 3.60 21.21 -32.64
N LYS D 99 4.60 22.08 -32.49
CA LYS D 99 5.98 21.80 -32.93
C LYS D 99 6.80 21.27 -31.73
N PHE D 100 7.64 20.28 -31.99
CA PHE D 100 8.43 19.62 -30.96
C PHE D 100 9.89 20.11 -31.10
N LEU D 101 10.31 21.00 -30.21
CA LEU D 101 11.62 21.62 -30.32
C LEU D 101 12.66 21.00 -29.36
N ALA D 102 13.86 20.79 -29.91
CA ALA D 102 14.89 20.10 -29.21
C ALA D 102 15.87 21.09 -28.63
N ASP D 103 16.16 20.92 -27.34
CA ASP D 103 17.15 21.67 -26.58
C ASP D 103 18.10 20.72 -25.81
N GLY D 104 18.69 19.77 -26.56
CA GLY D 104 19.38 18.64 -25.97
C GLY D 104 20.65 18.91 -25.12
N SER D 105 21.25 20.13 -25.22
CA SER D 105 22.37 20.52 -24.35
C SER D 105 21.93 21.42 -23.18
N ALA D 106 20.61 21.66 -23.09
CA ALA D 106 20.00 22.44 -22.02
C ALA D 106 20.36 23.96 -22.11
N THR D 107 20.85 24.37 -23.25
CA THR D 107 21.36 25.74 -23.43
C THR D 107 20.22 26.78 -23.31
N TYR D 108 19.13 26.55 -24.03
CA TYR D 108 17.99 27.49 -24.00
C TYR D 108 17.26 27.38 -22.64
N THR D 109 17.13 26.16 -22.11
CA THR D 109 16.56 25.94 -20.77
C THR D 109 17.26 26.78 -19.71
N HIS D 110 18.59 26.80 -19.74
CA HIS D 110 19.30 27.62 -18.75
C HIS D 110 19.11 29.12 -19.02
N ALA D 111 18.94 29.49 -20.28
CA ALA D 111 18.78 30.91 -20.64
C ALA D 111 17.45 31.43 -20.10
N LEU D 112 16.50 30.53 -19.90
CA LEU D 112 15.20 30.85 -19.28
C LEU D 112 15.24 30.77 -17.75
N GLY D 113 16.34 30.30 -17.22
CA GLY D 113 16.47 30.06 -15.80
C GLY D 113 15.66 28.89 -15.30
N LEU D 114 15.39 27.91 -16.17
CA LEU D 114 14.45 26.84 -15.85
C LEU D 114 15.07 25.42 -15.77
N GLU D 115 16.37 25.33 -15.54
CA GLU D 115 17.02 24.03 -15.37
C GLU D 115 16.56 23.33 -14.10
N LEU D 116 16.56 22.02 -14.12
CA LEU D 116 16.15 21.17 -13.03
C LEU D 116 17.06 19.98 -13.00
N ASP D 117 17.68 19.75 -11.85
CA ASP D 117 18.61 18.64 -11.67
C ASP D 117 17.83 17.38 -11.39
N LEU D 118 17.73 16.49 -12.38
CA LEU D 118 17.03 15.24 -12.21
C LEU D 118 18.03 14.07 -12.30
N GLN D 119 19.28 14.31 -11.91
CA GLN D 119 20.30 13.24 -11.95
C GLN D 119 19.98 11.99 -11.11
N GLU D 120 19.22 12.16 -10.03
CA GLU D 120 18.77 11.04 -9.19
C GLU D 120 17.56 10.24 -9.72
N LYS D 121 16.82 10.80 -10.68
CA LYS D 121 15.78 10.02 -11.36
C LYS D 121 16.38 9.37 -12.64
N GLY D 122 17.66 9.54 -12.87
CA GLY D 122 18.33 9.04 -14.08
C GLY D 122 18.20 9.79 -15.41
N LEU D 123 17.98 11.11 -15.34
CA LEU D 123 17.69 11.98 -16.48
C LEU D 123 18.77 13.05 -16.72
N GLY D 124 19.80 13.13 -15.86
CA GLY D 124 20.69 14.27 -15.89
C GLY D 124 19.92 15.55 -15.58
N THR D 125 20.42 16.66 -16.11
CA THR D 125 19.74 17.94 -16.07
C THR D 125 18.71 18.07 -17.20
N ARG D 126 17.53 18.48 -16.80
CA ARG D 126 16.38 18.70 -17.70
C ARG D 126 15.73 20.04 -17.45
N SER D 127 14.57 20.28 -18.07
CA SER D 127 13.74 21.47 -17.83
C SER D 127 12.69 21.22 -16.78
N ARG D 128 12.47 22.24 -15.97
CA ARG D 128 11.27 22.32 -15.17
C ARG D 128 10.07 22.36 -16.12
N ARG D 129 8.91 21.96 -15.60
CA ARG D 129 7.69 21.96 -16.36
C ARG D 129 7.08 23.35 -16.31
N PHE D 130 6.63 23.86 -17.44
CA PHE D 130 6.11 25.24 -17.50
C PHE D 130 5.27 25.54 -18.76
N ALA D 131 4.55 26.67 -18.74
CA ALA D 131 3.95 27.26 -19.95
C ALA D 131 4.09 28.79 -19.95
N LEU D 132 4.48 29.39 -21.05
CA LEU D 132 4.54 30.83 -21.22
C LEU D 132 3.61 31.28 -22.36
N LEU D 133 2.94 32.42 -22.15
CA LEU D 133 2.25 33.15 -23.21
C LEU D 133 3.12 34.34 -23.58
N VAL D 134 3.47 34.49 -24.86
CA VAL D 134 4.39 35.51 -25.33
C VAL D 134 3.83 36.27 -26.55
N ASP D 135 3.72 37.58 -26.44
CA ASP D 135 3.19 38.42 -27.50
C ASP D 135 4.26 39.36 -28.08
N ASP D 136 4.61 39.18 -29.35
CA ASP D 136 5.73 39.89 -29.97
C ASP D 136 6.95 39.98 -29.04
N LEU D 137 7.33 38.82 -28.50
CA LEU D 137 8.56 38.63 -27.72
C LEU D 137 8.49 39.14 -26.29
N LYS D 138 7.33 39.59 -25.88
CA LYS D 138 7.11 40.02 -24.52
C LYS D 138 6.34 38.93 -23.79
N VAL D 139 6.87 38.46 -22.67
CA VAL D 139 6.21 37.46 -21.82
C VAL D 139 5.00 38.10 -21.10
N LYS D 140 3.81 37.57 -21.37
CA LYS D 140 2.53 38.05 -20.81
C LYS D 140 2.03 37.18 -19.64
N ALA D 141 2.36 35.88 -19.63
CA ALA D 141 2.06 34.95 -18.54
C ALA D 141 3.15 33.90 -18.37
N ALA D 142 3.44 33.51 -17.14
CA ALA D 142 4.48 32.50 -16.86
C ALA D 142 4.03 31.55 -15.76
N ASN D 143 3.63 30.37 -16.18
CA ASN D 143 3.15 29.35 -15.30
C ASN D 143 4.16 28.22 -15.14
N ILE D 144 4.87 28.24 -14.02
CA ILE D 144 6.06 27.41 -13.74
C ILE D 144 5.89 26.52 -12.50
N GLU D 145 6.20 25.24 -12.64
CA GLU D 145 5.97 24.27 -11.58
C GLU D 145 7.19 24.18 -10.63
N GLY D 146 7.01 23.57 -9.46
CA GLY D 146 8.13 23.23 -8.59
C GLY D 146 8.92 21.97 -8.96
N GLY D 147 9.35 21.86 -10.24
CA GLY D 147 9.91 20.64 -10.78
C GLY D 147 9.13 20.09 -11.99
N GLY D 148 8.68 18.83 -11.90
CA GLY D 148 7.79 18.25 -12.91
C GLY D 148 6.40 17.94 -12.40
N GLU D 149 5.97 18.65 -11.35
CA GLU D 149 4.66 18.46 -10.68
C GLU D 149 3.68 19.37 -11.37
N PHE D 150 2.36 19.19 -11.23
CA PHE D 150 1.45 19.56 -12.33
C PHE D 150 0.13 20.28 -11.97
N THR D 151 0.20 21.49 -11.38
CA THR D 151 -0.97 22.32 -10.99
C THR D 151 -1.09 23.70 -11.66
N VAL D 152 -0.07 24.18 -12.36
CA VAL D 152 -0.18 25.48 -13.06
C VAL D 152 0.04 25.49 -14.59
N SER D 153 0.68 24.44 -15.14
CA SER D 153 1.25 24.54 -16.52
C SER D 153 0.48 23.86 -17.66
N SER D 154 -0.75 23.38 -17.39
CA SER D 154 -1.54 22.73 -18.46
C SER D 154 -2.16 23.72 -19.45
N ALA D 155 -2.62 23.16 -20.57
CA ALA D 155 -3.28 23.94 -21.62
C ALA D 155 -4.62 24.49 -21.10
N GLU D 156 -5.31 23.69 -20.29
CA GLU D 156 -6.57 24.14 -19.70
C GLU D 156 -6.28 25.32 -18.77
N ASP D 157 -5.17 25.20 -18.04
CA ASP D 157 -4.72 26.22 -17.11
C ASP D 157 -4.45 27.55 -17.77
N ILE D 158 -3.86 27.56 -18.98
CA ILE D 158 -3.48 28.87 -19.59
C ILE D 158 -4.63 29.57 -20.29
N LEU D 159 -5.75 28.89 -20.50
CA LEU D 159 -6.95 29.53 -21.09
C LEU D 159 -7.37 30.78 -20.30
N LYS D 160 -7.14 30.78 -18.98
CA LYS D 160 -7.38 31.94 -18.09
C LYS D 160 -6.56 33.18 -18.47
N ASP D 161 -5.42 32.93 -19.09
CA ASP D 161 -4.50 34.01 -19.44
C ASP D 161 -4.78 34.54 -20.83
S SO4 E . 3.06 7.71 4.89
O1 SO4 E . 3.83 7.09 5.99
O2 SO4 E . 1.90 6.94 4.56
O3 SO4 E . 2.78 9.11 5.30
O4 SO4 E . 3.87 7.82 3.65
S SO4 F . -6.11 -1.25 20.39
O1 SO4 F . -7.05 -2.37 20.24
O2 SO4 F . -5.18 -1.33 19.27
O3 SO4 F . -6.79 0.04 20.45
O4 SO4 F . -5.33 -1.37 21.63
#